data_1LYA
#
_entry.id   1LYA
#
_cell.length_a   125.900
_cell.length_b   125.900
_cell.length_c   104.100
_cell.angle_alpha   90.00
_cell.angle_beta   90.00
_cell.angle_gamma   120.00
#
_symmetry.space_group_name_H-M   'P 65'
#
loop_
_entity.id
_entity.type
_entity.pdbx_description
1 polymer 'CATHEPSIN D'
2 polymer 'CATHEPSIN D'
3 branched alpha-D-mannopyranose-(1-6)-beta-D-mannopyranose-(1-4)-2-acetamido-2-deoxy-beta-D-glucopyranose-(1-4)-2-acetamido-2-deoxy-beta-D-glucopyranose
4 non-polymer 2-acetamido-2-deoxy-beta-D-glucopyranose
5 water water
#
loop_
_entity_poly.entity_id
_entity_poly.type
_entity_poly.pdbx_seq_one_letter_code
_entity_poly.pdbx_strand_id
1 'polypeptide(L)'
;GPIPEVLKNYMDAQYYGEIGIGTPPQCFTVVFDTGSSNLWVPSIHCKLLDIACWIHHKYNSDKSSTYVKNGTSFDIHYGS
GSLSGYLSQDTVSVPCQ
;
A,C
2 'polypeptide(L)'
;GGVKVERQVFGEATKQPGITFIAAKFDGILGMAYPRISVNNVLPVFDNLMQQKLVDQNIFSFYLSRDPDAQPGGELMLGG
TDSKYYKGSLSYLNVTRKAYWQVHLDQVEVASGLTLCKEGCEAIVDTGTSLMVGPVDEVRELQKAIGAVPLIQGEYMIPC
EKVSTLPAITLKLGGKGYKLSPEDYTLKVSQAGKTLCLSGFMGMDIPPPSGPLWILGDVFIGRYYTVFDRDNNRVGFAEA
A
;
B,D
#
# COMPACT_ATOMS: atom_id res chain seq x y z
N GLY A 1 1.72 20.22 -15.94
CA GLY A 1 3.00 20.74 -15.50
C GLY A 1 3.96 19.59 -15.76
N PRO A 2 5.11 19.45 -15.11
CA PRO A 2 5.85 18.22 -15.05
C PRO A 2 5.02 17.20 -14.31
N ILE A 3 5.14 15.96 -14.79
CA ILE A 3 4.41 14.81 -14.31
C ILE A 3 5.35 14.03 -13.38
N PRO A 4 5.15 13.93 -12.06
CA PRO A 4 5.98 13.16 -11.15
C PRO A 4 5.63 11.69 -11.14
N GLU A 5 6.62 10.80 -11.22
CA GLU A 5 6.42 9.37 -11.10
C GLU A 5 7.24 9.02 -9.88
N VAL A 6 6.62 8.41 -8.88
CA VAL A 6 7.33 8.02 -7.69
C VAL A 6 7.93 6.67 -7.96
N LEU A 7 9.18 6.42 -7.64
CA LEU A 7 9.78 5.13 -7.92
C LEU A 7 9.95 4.34 -6.63
N LYS A 8 9.84 3.02 -6.66
CA LYS A 8 10.14 2.18 -5.52
C LYS A 8 11.58 1.77 -5.68
N ASN A 9 12.23 1.42 -4.60
CA ASN A 9 13.64 1.08 -4.59
C ASN A 9 13.77 -0.30 -4.00
N TYR A 10 14.16 -1.31 -4.76
CA TYR A 10 14.43 -2.60 -4.18
C TYR A 10 15.94 -2.71 -4.07
N MET A 11 16.46 -2.74 -2.83
CA MET A 11 17.86 -2.99 -2.52
C MET A 11 18.95 -2.18 -3.22
N ASP A 12 18.63 -0.96 -3.68
CA ASP A 12 19.51 -0.10 -4.48
C ASP A 12 19.97 -0.76 -5.77
N ALA A 13 19.22 -1.80 -6.16
CA ALA A 13 19.53 -2.55 -7.34
C ALA A 13 18.43 -2.46 -8.37
N GLN A 14 17.14 -2.35 -7.99
CA GLN A 14 16.02 -2.29 -8.93
C GLN A 14 15.16 -1.09 -8.65
N TYR A 15 14.95 -0.12 -9.53
CA TYR A 15 14.06 1.00 -9.25
C TYR A 15 12.96 0.90 -10.29
N TYR A 16 11.70 0.86 -9.88
CA TYR A 16 10.59 0.67 -10.81
C TYR A 16 9.43 1.56 -10.41
N GLY A 17 8.45 1.80 -11.26
CA GLY A 17 7.35 2.69 -10.93
C GLY A 17 6.09 2.15 -11.56
N GLU A 18 4.91 2.69 -11.28
CA GLU A 18 3.68 2.13 -11.78
C GLU A 18 3.07 2.93 -12.91
N ILE A 19 2.57 2.19 -13.92
CA ILE A 19 2.02 2.74 -15.17
C ILE A 19 0.78 1.94 -15.50
N GLY A 20 -0.07 2.36 -16.43
CA GLY A 20 -1.24 1.57 -16.79
C GLY A 20 -1.25 1.27 -18.28
N ILE A 21 -1.76 0.13 -18.71
CA ILE A 21 -1.94 -0.19 -20.12
C ILE A 21 -3.44 -0.50 -20.17
N GLY A 22 -4.16 0.17 -21.07
CA GLY A 22 -5.56 -0.13 -21.31
C GLY A 22 -6.53 0.86 -20.70
N THR A 23 -7.77 0.68 -21.13
CA THR A 23 -8.89 1.45 -20.60
C THR A 23 -9.83 0.34 -20.22
N PRO A 24 -10.17 0.29 -18.94
CA PRO A 24 -9.57 1.06 -17.84
C PRO A 24 -8.14 0.63 -17.57
N PRO A 25 -7.26 1.39 -16.93
CA PRO A 25 -5.87 1.04 -16.76
C PRO A 25 -5.63 -0.27 -16.03
N GLN A 26 -4.83 -1.17 -16.60
CA GLN A 26 -4.41 -2.34 -15.85
C GLN A 26 -3.06 -1.85 -15.34
N CYS A 27 -2.76 -1.89 -14.03
CA CYS A 27 -1.49 -1.41 -13.49
C CYS A 27 -0.34 -2.39 -13.46
N PHE A 28 0.83 -1.94 -13.94
CA PHE A 28 2.05 -2.73 -13.98
C PHE A 28 3.17 -1.92 -13.37
N THR A 29 4.28 -2.55 -12.97
CA THR A 29 5.43 -1.81 -12.49
C THR A 29 6.48 -2.03 -13.55
N VAL A 30 7.22 -0.98 -13.89
CA VAL A 30 8.24 -1.08 -14.93
C VAL A 30 9.46 -0.32 -14.48
N VAL A 31 10.61 -0.67 -15.02
CA VAL A 31 11.78 0.13 -14.76
C VAL A 31 11.87 1.01 -16.01
N PHE A 32 12.11 2.27 -15.72
CA PHE A 32 12.22 3.30 -16.71
C PHE A 32 13.68 3.25 -17.02
N ASP A 33 13.87 2.52 -18.10
CA ASP A 33 15.18 2.18 -18.57
C ASP A 33 15.74 3.07 -19.66
N THR A 34 16.75 3.92 -19.41
CA THR A 34 17.34 4.73 -20.46
C THR A 34 18.37 3.92 -21.24
N GLY A 35 18.43 2.59 -21.11
CA GLY A 35 19.36 1.79 -21.89
C GLY A 35 18.63 1.03 -22.97
N SER A 36 17.31 1.13 -23.16
CA SER A 36 16.63 0.43 -24.22
C SER A 36 15.51 1.34 -24.66
N SER A 37 14.75 0.92 -25.67
CA SER A 37 13.67 1.74 -26.15
C SER A 37 12.32 1.04 -26.32
N ASN A 38 12.19 -0.24 -25.94
CA ASN A 38 10.91 -0.91 -26.08
C ASN A 38 10.17 -0.98 -24.78
N LEU A 39 8.84 -1.06 -24.85
CA LEU A 39 8.00 -1.23 -23.68
C LEU A 39 7.34 -2.59 -23.80
N TRP A 40 7.31 -3.31 -22.69
CA TRP A 40 6.74 -4.63 -22.70
C TRP A 40 6.35 -4.96 -21.29
N VAL A 41 5.29 -5.75 -21.20
CA VAL A 41 4.75 -6.26 -19.94
C VAL A 41 4.38 -7.70 -20.26
N PRO A 42 4.17 -8.57 -19.29
CA PRO A 42 3.79 -9.95 -19.54
C PRO A 42 2.42 -10.03 -20.13
N SER A 43 2.21 -10.98 -21.03
CA SER A 43 0.91 -11.21 -21.62
C SER A 43 0.16 -12.17 -20.71
N ILE A 44 -1.17 -12.12 -20.59
CA ILE A 44 -1.90 -13.21 -19.95
C ILE A 44 -1.82 -14.45 -20.82
N HIS A 45 -1.39 -14.34 -22.07
CA HIS A 45 -1.29 -15.49 -22.94
C HIS A 45 0.17 -15.90 -22.91
N CYS A 46 0.90 -15.71 -21.82
CA CYS A 46 2.31 -16.06 -21.84
C CYS A 46 2.37 -17.57 -21.76
N LYS A 47 3.37 -18.23 -22.33
CA LYS A 47 3.38 -19.67 -22.35
C LYS A 47 3.67 -20.26 -20.97
N LEU A 48 3.35 -21.54 -20.74
CA LEU A 48 3.65 -22.19 -19.48
C LEU A 48 5.15 -22.12 -19.18
N LEU A 49 6.01 -22.32 -20.19
CA LEU A 49 7.45 -22.16 -20.06
C LEU A 49 7.88 -20.85 -19.42
N ASP A 50 7.05 -19.82 -19.42
CA ASP A 50 7.47 -18.54 -18.94
C ASP A 50 7.14 -18.50 -17.48
N ILE A 51 8.06 -19.03 -16.68
CA ILE A 51 7.89 -19.05 -15.23
C ILE A 51 7.74 -17.67 -14.62
N ALA A 52 8.53 -16.74 -15.13
CA ALA A 52 8.49 -15.35 -14.70
C ALA A 52 7.08 -14.77 -14.73
N CYS A 53 6.31 -15.15 -15.72
CA CYS A 53 4.96 -14.67 -15.93
C CYS A 53 3.98 -15.17 -14.86
N TRP A 54 4.25 -16.33 -14.25
CA TRP A 54 3.34 -16.85 -13.27
C TRP A 54 3.35 -15.94 -12.07
N ILE A 55 4.49 -15.36 -11.74
CA ILE A 55 4.54 -14.55 -10.54
C ILE A 55 4.48 -13.05 -10.79
N HIS A 56 3.99 -12.59 -11.94
CA HIS A 56 3.95 -11.17 -12.18
C HIS A 56 2.56 -10.79 -12.67
N HIS A 57 2.29 -9.52 -12.99
CA HIS A 57 0.97 -9.13 -13.47
C HIS A 57 1.04 -9.32 -14.96
N LYS A 58 -0.04 -9.84 -15.52
CA LYS A 58 -0.12 -10.15 -16.94
C LYS A 58 -1.18 -9.26 -17.53
N TYR A 59 -1.03 -8.81 -18.76
CA TYR A 59 -1.97 -7.92 -19.39
C TYR A 59 -3.06 -8.71 -20.11
N ASN A 60 -4.33 -8.31 -20.00
CA ASN A 60 -5.39 -9.03 -20.68
C ASN A 60 -6.06 -8.10 -21.66
N SER A 61 -5.90 -8.33 -22.95
CA SER A 61 -6.38 -7.41 -23.94
C SER A 61 -7.88 -7.26 -23.95
N ASP A 62 -8.56 -8.37 -23.67
CA ASP A 62 -10.00 -8.41 -23.73
C ASP A 62 -10.65 -7.58 -22.64
N LYS A 63 -9.90 -7.15 -21.65
CA LYS A 63 -10.46 -6.25 -20.66
C LYS A 63 -10.19 -4.79 -21.02
N SER A 64 -9.76 -4.42 -22.23
CA SER A 64 -9.49 -3.04 -22.52
C SER A 64 -10.29 -2.62 -23.71
N SER A 65 -11.02 -1.53 -23.62
CA SER A 65 -11.81 -1.06 -24.73
C SER A 65 -10.99 -0.38 -25.77
N THR A 66 -9.82 0.17 -25.45
CA THR A 66 -8.99 0.87 -26.42
C THR A 66 -7.87 0.07 -27.01
N TYR A 67 -7.97 -1.24 -26.95
CA TYR A 67 -6.90 -2.08 -27.46
C TYR A 67 -6.99 -2.23 -28.96
N VAL A 68 -5.94 -2.12 -29.74
CA VAL A 68 -5.98 -2.33 -31.18
C VAL A 68 -4.93 -3.39 -31.36
N LYS A 69 -5.27 -4.46 -32.03
CA LYS A 69 -4.30 -5.49 -32.17
C LYS A 69 -3.27 -5.15 -33.20
N ASN A 70 -2.14 -5.81 -33.04
CA ASN A 70 -1.05 -5.67 -33.96
C ASN A 70 -0.57 -7.10 -34.17
N GLY A 71 -0.30 -7.94 -33.17
CA GLY A 71 0.09 -9.31 -33.45
C GLY A 71 1.50 -9.48 -34.01
N THR A 72 2.20 -8.54 -34.66
CA THR A 72 3.60 -8.71 -35.13
C THR A 72 4.53 -9.29 -34.06
N SER A 73 5.38 -10.29 -34.30
CA SER A 73 6.21 -10.82 -33.23
C SER A 73 7.40 -9.94 -32.97
N PHE A 74 7.99 -10.02 -31.79
CA PHE A 74 9.16 -9.26 -31.47
C PHE A 74 10.04 -10.15 -30.63
N ASP A 75 11.35 -9.94 -30.63
CA ASP A 75 12.27 -10.69 -29.81
C ASP A 75 13.35 -9.74 -29.30
N ILE A 76 13.42 -9.45 -27.99
CA ILE A 76 14.38 -8.50 -27.40
C ILE A 76 15.38 -9.30 -26.58
N HIS A 77 16.67 -9.08 -26.77
CA HIS A 77 17.70 -9.74 -25.99
C HIS A 77 18.40 -8.58 -25.32
N TYR A 78 18.37 -8.57 -24.01
CA TYR A 78 19.13 -7.62 -23.20
C TYR A 78 20.46 -8.32 -22.91
N GLY A 79 21.47 -7.59 -22.45
CA GLY A 79 22.71 -8.23 -22.06
C GLY A 79 22.48 -8.81 -20.66
N SER A 80 21.62 -9.83 -20.56
CA SER A 80 21.21 -10.47 -19.31
C SER A 80 20.02 -11.35 -19.70
N GLY A 81 18.85 -10.69 -19.91
CA GLY A 81 17.59 -11.35 -20.18
C GLY A 81 17.24 -11.42 -21.65
N SER A 82 16.31 -12.29 -22.00
CA SER A 82 15.82 -12.43 -23.35
C SER A 82 14.33 -12.61 -23.18
N LEU A 83 13.55 -12.16 -24.14
CA LEU A 83 12.12 -12.37 -24.11
C LEU A 83 11.66 -12.21 -25.53
N SER A 84 10.41 -12.60 -25.72
CA SER A 84 9.74 -12.48 -26.98
C SER A 84 8.23 -12.46 -26.72
N GLY A 85 7.44 -12.16 -27.74
CA GLY A 85 6.00 -12.12 -27.66
C GLY A 85 5.49 -11.48 -28.95
N TYR A 86 4.36 -10.80 -28.89
CA TYR A 86 3.84 -10.14 -30.08
C TYR A 86 3.55 -8.70 -29.71
N LEU A 87 3.41 -7.81 -30.67
CA LEU A 87 3.18 -6.42 -30.38
C LEU A 87 1.69 -6.12 -30.31
N SER A 88 1.32 -5.06 -29.62
CA SER A 88 -0.06 -4.63 -29.46
C SER A 88 -0.12 -3.14 -29.29
N GLN A 89 -1.33 -2.58 -29.30
CA GLN A 89 -1.51 -1.15 -29.16
C GLN A 89 -2.59 -0.84 -28.16
N ASP A 90 -2.40 0.18 -27.34
CA ASP A 90 -3.37 0.60 -26.34
C ASP A 90 -2.83 1.87 -25.71
N THR A 91 -3.59 2.49 -24.82
CA THR A 91 -3.17 3.70 -24.11
C THR A 91 -2.22 3.36 -22.97
N VAL A 92 -1.23 4.20 -22.70
CA VAL A 92 -0.36 3.98 -21.56
C VAL A 92 -0.59 5.20 -20.67
N SER A 93 -0.75 5.00 -19.37
CA SER A 93 -1.04 6.07 -18.46
C SER A 93 0.17 6.16 -17.56
N VAL A 94 0.58 7.33 -17.05
CA VAL A 94 1.73 7.43 -16.16
C VAL A 94 1.31 8.54 -15.20
N PRO A 95 1.12 8.33 -13.89
CA PRO A 95 1.12 7.06 -13.17
C PRO A 95 -0.02 6.12 -13.53
N CYS A 96 -0.70 5.32 -12.71
CA CYS A 96 -1.82 4.55 -13.26
C CYS A 96 -3.05 5.49 -13.17
N GLN A 97 -2.92 6.58 -13.96
CA GLN A 97 -3.80 7.76 -14.12
C GLN A 97 -3.11 8.73 -15.12
N GLY B 1 -2.20 15.34 -11.86
CA GLY B 1 -1.29 15.13 -12.97
C GLY B 1 -1.44 13.65 -13.31
N GLY B 2 -0.93 13.24 -14.46
CA GLY B 2 -1.02 11.90 -15.00
C GLY B 2 -1.00 12.13 -16.50
N VAL B 3 -0.37 11.36 -17.35
CA VAL B 3 -0.49 11.62 -18.76
C VAL B 3 -1.13 10.40 -19.33
N LYS B 4 -1.81 10.65 -20.43
CA LYS B 4 -2.36 9.56 -21.19
C LYS B 4 -1.59 9.60 -22.49
N VAL B 5 -0.72 8.63 -22.76
CA VAL B 5 -0.05 8.52 -24.05
C VAL B 5 -1.01 7.63 -24.84
N GLU B 6 -1.53 8.01 -26.00
CA GLU B 6 -2.53 7.19 -26.64
C GLU B 6 -1.83 6.44 -27.77
N ARG B 7 -2.41 5.32 -28.20
CA ARG B 7 -1.94 4.59 -29.37
C ARG B 7 -0.48 4.16 -29.29
N GLN B 8 -0.11 3.59 -28.16
CA GLN B 8 1.25 3.15 -27.95
C GLN B 8 1.32 1.68 -28.31
N VAL B 9 2.32 1.35 -29.12
CA VAL B 9 2.61 -0.04 -29.42
C VAL B 9 3.64 -0.48 -28.39
N PHE B 10 3.37 -1.65 -27.82
CA PHE B 10 4.19 -2.24 -26.79
C PHE B 10 4.11 -3.75 -27.00
N GLY B 11 4.99 -4.54 -26.42
CA GLY B 11 4.95 -5.98 -26.62
C GLY B 11 4.34 -6.72 -25.43
N GLU B 12 3.60 -7.77 -25.78
CA GLU B 12 3.05 -8.67 -24.81
C GLU B 12 4.00 -9.85 -24.86
N ALA B 13 4.73 -10.01 -23.73
CA ALA B 13 5.74 -11.04 -23.57
C ALA B 13 5.09 -12.37 -23.27
N THR B 14 5.47 -13.36 -24.05
CA THR B 14 4.97 -14.71 -23.90
C THR B 14 6.06 -15.71 -23.47
N LYS B 15 7.32 -15.51 -23.81
CA LYS B 15 8.40 -16.40 -23.38
C LYS B 15 9.44 -15.47 -22.80
N GLN B 16 9.99 -15.76 -21.63
CA GLN B 16 11.03 -14.94 -21.01
C GLN B 16 12.01 -15.95 -20.43
N PRO B 17 13.02 -16.35 -21.19
CA PRO B 17 14.07 -17.26 -20.76
C PRO B 17 14.97 -16.88 -19.58
N GLY B 18 15.18 -17.91 -18.73
CA GLY B 18 16.16 -17.90 -17.65
C GLY B 18 15.68 -17.46 -16.27
N ILE B 19 16.63 -17.23 -15.38
CA ILE B 19 16.33 -16.79 -14.03
C ILE B 19 16.00 -15.31 -13.96
N THR B 20 16.66 -14.56 -14.84
CA THR B 20 16.66 -13.11 -14.78
C THR B 20 15.33 -12.39 -14.54
N PHE B 21 14.15 -12.82 -14.99
CA PHE B 21 12.98 -12.08 -14.59
C PHE B 21 12.20 -12.75 -13.49
N ILE B 22 12.54 -13.99 -13.09
CA ILE B 22 11.92 -14.71 -11.94
C ILE B 22 12.26 -13.91 -10.68
N ALA B 23 13.50 -13.47 -10.66
CA ALA B 23 14.03 -12.72 -9.55
C ALA B 23 13.71 -11.22 -9.55
N ALA B 24 13.15 -10.65 -10.61
CA ALA B 24 12.91 -9.22 -10.72
C ALA B 24 11.61 -8.80 -10.04
N LYS B 25 11.55 -7.79 -9.17
CA LYS B 25 10.30 -7.33 -8.56
C LYS B 25 9.38 -6.54 -9.48
N PHE B 26 9.87 -6.13 -10.63
CA PHE B 26 9.06 -5.41 -11.59
C PHE B 26 8.43 -6.36 -12.61
N ASP B 27 7.36 -5.88 -13.24
CA ASP B 27 6.65 -6.62 -14.28
C ASP B 27 7.22 -6.42 -15.68
N GLY B 28 7.64 -5.22 -16.07
CA GLY B 28 8.16 -5.03 -17.41
C GLY B 28 9.13 -3.87 -17.52
N ILE B 29 9.48 -3.46 -18.74
CA ILE B 29 10.48 -2.42 -18.92
C ILE B 29 9.91 -1.39 -19.85
N LEU B 30 10.13 -0.11 -19.55
CA LEU B 30 9.71 0.97 -20.40
C LEU B 30 11.02 1.64 -20.72
N GLY B 31 11.45 1.40 -21.94
CA GLY B 31 12.70 1.91 -22.43
C GLY B 31 12.61 3.36 -22.84
N MET B 32 13.68 4.10 -22.53
CA MET B 32 13.68 5.53 -22.67
C MET B 32 14.90 6.03 -23.39
N ALA B 33 15.51 5.18 -24.21
CA ALA B 33 16.61 5.59 -25.05
C ALA B 33 16.03 6.10 -26.37
N TYR B 34 16.88 6.49 -27.33
CA TYR B 34 16.45 7.02 -28.60
C TYR B 34 15.82 5.95 -29.48
N PRO B 35 15.08 6.30 -30.54
CA PRO B 35 14.50 5.33 -31.45
C PRO B 35 15.44 4.39 -32.21
N ARG B 36 16.70 4.74 -32.49
CA ARG B 36 17.61 3.90 -33.27
C ARG B 36 17.70 2.52 -32.65
N ILE B 37 17.74 2.34 -31.34
CA ILE B 37 17.90 0.99 -30.84
C ILE B 37 16.59 0.29 -30.48
N SER B 38 15.51 0.70 -31.14
CA SER B 38 14.21 0.18 -30.81
C SER B 38 13.91 -1.02 -31.68
N VAL B 39 13.53 -2.11 -31.05
CA VAL B 39 13.20 -3.34 -31.74
C VAL B 39 11.88 -3.16 -32.49
N ASN B 40 11.96 -3.39 -33.79
CA ASN B 40 10.86 -3.31 -34.75
C ASN B 40 10.45 -1.89 -35.09
N ASN B 41 11.36 -0.95 -34.85
CA ASN B 41 11.15 0.48 -35.06
C ASN B 41 9.87 1.02 -34.43
N VAL B 42 9.48 0.39 -33.31
CA VAL B 42 8.30 0.75 -32.57
C VAL B 42 8.61 2.11 -31.96
N LEU B 43 7.85 3.17 -32.23
CA LEU B 43 8.14 4.48 -31.64
C LEU B 43 8.10 4.43 -30.11
N PRO B 44 9.18 4.74 -29.38
CA PRO B 44 9.22 4.74 -27.93
C PRO B 44 8.13 5.57 -27.27
N VAL B 45 7.89 5.34 -25.99
CA VAL B 45 6.84 6.02 -25.25
C VAL B 45 7.15 7.50 -25.20
N PHE B 46 8.32 7.96 -24.80
CA PHE B 46 8.59 9.38 -24.74
C PHE B 46 8.57 9.96 -26.14
N ASP B 47 8.82 9.23 -27.23
CA ASP B 47 8.75 9.84 -28.54
C ASP B 47 7.30 10.11 -28.88
N ASN B 48 6.46 9.17 -28.50
CA ASN B 48 5.03 9.29 -28.62
C ASN B 48 4.55 10.49 -27.80
N LEU B 49 5.02 10.70 -26.56
CA LEU B 49 4.67 11.85 -25.72
C LEU B 49 5.03 13.16 -26.40
N MET B 50 6.22 13.23 -26.99
CA MET B 50 6.70 14.45 -27.58
C MET B 50 5.80 14.77 -28.74
N GLN B 51 5.50 13.75 -29.53
CA GLN B 51 4.66 13.88 -30.71
C GLN B 51 3.24 14.29 -30.40
N GLN B 52 2.68 13.84 -29.28
CA GLN B 52 1.33 14.22 -28.93
C GLN B 52 1.36 15.51 -28.11
N LYS B 53 2.55 16.10 -27.95
CA LYS B 53 2.73 17.37 -27.27
C LYS B 53 2.14 17.45 -25.90
N LEU B 54 2.43 16.37 -25.18
CA LEU B 54 1.90 16.22 -23.87
C LEU B 54 2.71 16.96 -22.81
N VAL B 55 3.96 17.37 -22.96
CA VAL B 55 4.60 18.22 -21.94
C VAL B 55 5.26 19.40 -22.61
N ASP B 56 5.44 20.43 -21.81
CA ASP B 56 6.11 21.68 -22.14
C ASP B 56 7.58 21.59 -22.56
N GLN B 57 8.40 20.85 -21.81
CA GLN B 57 9.79 20.68 -22.14
C GLN B 57 9.96 19.20 -22.43
N ASN B 58 10.62 18.79 -23.50
CA ASN B 58 10.82 17.36 -23.75
C ASN B 58 12.06 16.81 -23.08
N ILE B 59 11.92 16.70 -21.77
CA ILE B 59 12.97 16.26 -20.89
C ILE B 59 12.37 15.39 -19.82
N PHE B 60 13.17 14.68 -19.06
CA PHE B 60 12.71 13.92 -17.91
C PHE B 60 13.91 13.72 -17.00
N SER B 61 13.70 13.74 -15.69
CA SER B 61 14.81 13.74 -14.76
C SER B 61 14.70 12.57 -13.82
N PHE B 62 15.82 12.10 -13.27
CA PHE B 62 15.81 10.96 -12.39
C PHE B 62 16.48 11.29 -11.09
N TYR B 63 15.72 11.14 -10.02
CA TYR B 63 16.24 11.16 -8.68
C TYR B 63 16.15 9.71 -8.24
N LEU B 64 17.18 9.06 -7.72
CA LEU B 64 17.10 7.69 -7.23
C LEU B 64 17.59 7.72 -5.78
N SER B 65 16.90 7.07 -4.84
CA SER B 65 17.33 7.11 -3.46
C SER B 65 18.30 6.00 -3.21
N ARG B 66 19.36 6.33 -2.51
CA ARG B 66 20.34 5.33 -2.22
C ARG B 66 20.15 4.68 -0.84
N ASP B 67 19.04 4.90 -0.16
CA ASP B 67 18.77 4.26 1.12
C ASP B 67 17.54 3.44 0.79
N PRO B 68 17.56 2.11 0.74
CA PRO B 68 16.41 1.30 0.37
C PRO B 68 15.23 1.42 1.30
N ASP B 69 15.41 1.85 2.54
CA ASP B 69 14.27 2.03 3.43
C ASP B 69 13.76 3.47 3.38
N ALA B 70 13.92 4.16 2.27
CA ALA B 70 13.49 5.54 2.22
C ALA B 70 12.18 5.59 1.43
N GLN B 71 11.34 6.55 1.77
CA GLN B 71 10.10 6.78 1.06
C GLN B 71 10.24 8.24 0.64
N PRO B 72 10.20 8.63 -0.66
CA PRO B 72 10.02 7.77 -1.84
C PRO B 72 11.31 7.06 -2.29
N GLY B 73 11.27 6.01 -3.10
CA GLY B 73 12.50 5.33 -3.47
C GLY B 73 13.28 6.09 -4.53
N GLY B 74 12.64 7.04 -5.19
CA GLY B 74 13.26 7.90 -6.17
C GLY B 74 12.12 8.60 -6.88
N GLU B 75 12.39 9.42 -7.87
CA GLU B 75 11.33 10.13 -8.55
C GLU B 75 11.70 10.39 -10.01
N LEU B 76 10.94 9.92 -10.99
CA LEU B 76 11.16 10.24 -12.39
C LEU B 76 10.25 11.43 -12.59
N MET B 77 10.75 12.53 -13.14
CA MET B 77 9.93 13.69 -13.40
C MET B 77 9.81 13.82 -14.92
N LEU B 78 8.64 13.72 -15.55
CA LEU B 78 8.47 13.83 -16.99
C LEU B 78 8.14 15.26 -17.41
N GLY B 79 8.92 15.78 -18.34
CA GLY B 79 8.71 17.12 -18.86
C GLY B 79 9.24 18.21 -17.97
N GLY B 80 10.10 17.91 -17.02
CA GLY B 80 10.63 18.95 -16.16
C GLY B 80 11.70 18.39 -15.25
N THR B 81 12.08 19.23 -14.31
CA THR B 81 13.13 19.00 -13.32
C THR B 81 12.50 19.12 -11.92
N ASP B 82 13.00 18.48 -10.87
CA ASP B 82 12.47 18.68 -9.56
C ASP B 82 13.60 19.22 -8.70
N SER B 83 13.60 20.52 -8.46
CA SER B 83 14.66 21.12 -7.69
C SER B 83 14.65 20.74 -6.23
N LYS B 84 13.67 20.00 -5.73
CA LYS B 84 13.79 19.63 -4.34
C LYS B 84 14.79 18.49 -4.23
N TYR B 85 15.31 17.93 -5.32
CA TYR B 85 16.24 16.82 -5.19
C TYR B 85 17.66 17.01 -5.70
N TYR B 86 18.14 18.23 -5.84
CA TYR B 86 19.51 18.40 -6.25
C TYR B 86 20.04 19.72 -5.75
N LYS B 87 21.35 19.90 -5.66
CA LYS B 87 21.95 21.13 -5.16
C LYS B 87 22.77 21.80 -6.26
N GLY B 88 22.64 23.13 -6.33
CA GLY B 88 23.43 23.91 -7.26
C GLY B 88 22.82 23.93 -8.65
N SER B 89 23.61 23.72 -9.70
CA SER B 89 23.11 23.81 -11.07
C SER B 89 23.52 22.67 -11.99
N LEU B 90 22.64 22.43 -12.95
CA LEU B 90 22.87 21.37 -13.88
C LEU B 90 24.03 21.77 -14.79
N SER B 91 24.90 20.80 -15.07
CA SER B 91 26.02 20.98 -15.99
C SER B 91 25.71 19.90 -17.02
N TYR B 92 25.73 20.28 -18.30
CA TYR B 92 25.25 19.40 -19.35
C TYR B 92 26.36 18.84 -20.19
N LEU B 93 26.12 17.77 -20.91
CA LEU B 93 27.10 17.14 -21.78
C LEU B 93 26.28 16.80 -23.00
N ASN B 94 26.83 16.92 -24.21
CA ASN B 94 26.08 16.53 -25.39
C ASN B 94 26.16 15.04 -25.71
N VAL B 95 25.08 14.49 -26.27
CA VAL B 95 25.00 13.09 -26.67
C VAL B 95 25.93 12.94 -27.87
N THR B 96 26.85 11.98 -27.84
CA THR B 96 27.70 11.74 -28.97
C THR B 96 26.88 10.84 -29.90
N ARG B 97 26.70 9.54 -29.75
CA ARG B 97 25.83 8.81 -30.66
C ARG B 97 24.43 8.79 -30.06
N LYS B 98 23.48 9.25 -30.85
CA LYS B 98 22.06 9.33 -30.53
C LYS B 98 21.40 7.97 -30.60
N ALA B 99 21.60 7.03 -29.70
CA ALA B 99 20.91 5.75 -29.74
C ALA B 99 20.71 5.45 -28.29
N TYR B 100 21.74 5.20 -27.50
CA TYR B 100 21.62 5.17 -26.05
C TYR B 100 21.96 6.62 -25.72
N TRP B 101 21.88 6.99 -24.46
CA TRP B 101 22.30 8.30 -24.05
C TRP B 101 23.80 8.18 -23.85
N GLN B 102 24.51 8.41 -24.94
CA GLN B 102 25.95 8.25 -24.96
C GLN B 102 26.61 9.58 -24.75
N VAL B 103 27.60 9.60 -23.90
CA VAL B 103 28.27 10.79 -23.49
C VAL B 103 29.76 10.42 -23.57
N HIS B 104 30.68 11.38 -23.60
CA HIS B 104 32.10 11.08 -23.66
C HIS B 104 32.65 11.27 -22.26
N LEU B 105 33.37 10.26 -21.78
CA LEU B 105 34.00 10.30 -20.49
C LEU B 105 35.44 10.72 -20.78
N ASP B 106 36.01 11.62 -20.00
CA ASP B 106 37.38 12.05 -20.25
C ASP B 106 38.47 11.19 -19.66
N GLN B 107 38.26 10.70 -18.42
CA GLN B 107 39.10 9.72 -17.75
C GLN B 107 38.44 9.33 -16.43
N VAL B 108 38.83 8.20 -15.84
CA VAL B 108 38.33 7.72 -14.56
C VAL B 108 39.56 7.74 -13.67
N GLU B 109 39.61 8.47 -12.58
CA GLU B 109 40.82 8.53 -11.80
C GLU B 109 40.51 8.02 -10.40
N VAL B 110 41.22 7.02 -9.91
CA VAL B 110 41.01 6.62 -8.53
C VAL B 110 42.19 7.26 -7.84
N ALA B 111 41.81 8.06 -6.86
CA ALA B 111 42.70 8.89 -6.08
C ALA B 111 44.00 8.34 -5.56
N SER B 112 44.20 7.03 -5.49
CA SER B 112 45.45 6.44 -5.06
C SER B 112 46.52 6.56 -6.14
N GLY B 113 46.15 7.10 -7.30
CA GLY B 113 47.06 7.34 -8.38
C GLY B 113 46.53 6.81 -9.70
N LEU B 114 45.92 5.62 -9.72
CA LEU B 114 45.51 5.00 -10.97
C LEU B 114 44.53 5.81 -11.81
N THR B 115 44.80 5.95 -13.09
CA THR B 115 43.91 6.64 -13.97
C THR B 115 43.61 5.62 -15.07
N LEU B 116 42.33 5.36 -15.25
CA LEU B 116 41.79 4.45 -16.24
C LEU B 116 41.20 5.38 -17.30
N CYS B 117 40.88 4.86 -18.48
CA CYS B 117 40.29 5.61 -19.57
C CYS B 117 41.06 6.87 -19.84
N LYS B 118 42.36 6.91 -19.57
CA LYS B 118 43.19 8.05 -19.98
C LYS B 118 43.22 7.85 -21.48
N GLU B 119 42.99 8.97 -22.16
CA GLU B 119 42.80 9.15 -23.60
C GLU B 119 41.33 9.43 -23.83
N GLY B 120 40.47 9.12 -22.87
CA GLY B 120 39.07 9.42 -22.98
C GLY B 120 38.36 8.24 -23.60
N CYS B 121 37.08 8.09 -23.32
CA CYS B 121 36.33 6.94 -23.83
C CYS B 121 34.85 7.28 -23.89
N GLU B 122 34.02 6.35 -24.34
CA GLU B 122 32.59 6.57 -24.52
C GLU B 122 31.86 5.86 -23.41
N ALA B 123 30.81 6.50 -22.91
CA ALA B 123 30.06 6.02 -21.77
C ALA B 123 28.59 6.15 -22.02
N ILE B 124 27.73 5.27 -21.54
CA ILE B 124 26.31 5.47 -21.73
C ILE B 124 25.71 5.62 -20.35
N VAL B 125 24.62 6.40 -20.21
CA VAL B 125 24.01 6.70 -18.94
C VAL B 125 22.75 5.82 -18.87
N ASP B 126 22.78 4.76 -18.07
CA ASP B 126 21.72 3.78 -18.11
C ASP B 126 21.07 3.60 -16.76
N THR B 127 19.82 4.02 -16.60
CA THR B 127 19.11 3.87 -15.34
C THR B 127 18.73 2.41 -15.07
N GLY B 128 18.79 1.55 -16.10
CA GLY B 128 18.46 0.15 -15.92
C GLY B 128 19.64 -0.68 -15.46
N THR B 129 20.88 -0.18 -15.25
CA THR B 129 22.02 -0.96 -14.79
C THR B 129 22.32 -0.50 -13.37
N SER B 130 22.41 -1.40 -12.37
CA SER B 130 22.59 -0.98 -10.98
C SER B 130 23.96 -0.43 -10.67
N LEU B 131 24.92 -1.09 -11.31
CA LEU B 131 26.31 -0.89 -11.04
C LEU B 131 26.94 -0.03 -12.11
N MET B 132 28.17 0.38 -11.84
CA MET B 132 28.97 1.06 -12.83
C MET B 132 29.58 -0.10 -13.58
N VAL B 133 29.76 -0.10 -14.90
CA VAL B 133 30.46 -1.21 -15.52
C VAL B 133 31.49 -0.59 -16.44
N GLY B 134 32.59 -1.31 -16.60
CA GLY B 134 33.65 -0.90 -17.48
C GLY B 134 34.36 -2.13 -18.02
N PRO B 135 35.34 -2.00 -18.91
CA PRO B 135 36.04 -3.12 -19.53
C PRO B 135 36.75 -3.99 -18.51
N VAL B 136 36.72 -5.32 -18.71
CA VAL B 136 37.28 -6.26 -17.76
C VAL B 136 38.66 -5.89 -17.28
N ASP B 137 39.56 -5.48 -18.15
CA ASP B 137 40.93 -5.20 -17.72
C ASP B 137 41.11 -3.97 -16.86
N GLU B 138 40.35 -2.93 -17.13
CA GLU B 138 40.52 -1.69 -16.40
C GLU B 138 39.82 -1.87 -15.09
N VAL B 139 38.68 -2.56 -15.07
CA VAL B 139 38.01 -2.76 -13.81
C VAL B 139 38.81 -3.71 -12.95
N ARG B 140 39.54 -4.73 -13.42
CA ARG B 140 40.32 -5.49 -12.46
C ARG B 140 41.44 -4.63 -11.85
N GLU B 141 42.06 -3.74 -12.63
CA GLU B 141 43.07 -2.85 -12.07
C GLU B 141 42.43 -1.96 -11.04
N LEU B 142 41.27 -1.38 -11.29
CA LEU B 142 40.65 -0.50 -10.35
C LEU B 142 40.31 -1.26 -9.08
N GLN B 143 39.92 -2.51 -9.19
CA GLN B 143 39.53 -3.23 -8.00
C GLN B 143 40.74 -3.57 -7.19
N LYS B 144 41.84 -3.94 -7.82
CA LYS B 144 43.06 -4.20 -7.08
C LYS B 144 43.58 -2.93 -6.44
N ALA B 145 43.54 -1.77 -7.11
CA ALA B 145 43.94 -0.52 -6.51
C ALA B 145 43.08 -0.19 -5.28
N ILE B 146 41.80 -0.65 -5.20
CA ILE B 146 41.01 -0.40 -4.01
C ILE B 146 41.05 -1.58 -3.04
N GLY B 147 41.52 -2.76 -3.46
CA GLY B 147 41.62 -3.90 -2.59
C GLY B 147 40.35 -4.73 -2.47
N ALA B 148 39.45 -4.73 -3.47
CA ALA B 148 38.28 -5.59 -3.39
C ALA B 148 38.72 -6.96 -3.88
N VAL B 149 37.98 -8.00 -3.56
CA VAL B 149 38.33 -9.36 -3.95
C VAL B 149 37.32 -9.85 -4.98
N PRO B 150 37.63 -10.74 -5.95
CA PRO B 150 36.67 -11.28 -6.92
C PRO B 150 35.56 -12.09 -6.29
N LEU B 151 34.33 -11.85 -6.70
CA LEU B 151 33.25 -12.69 -6.24
C LEU B 151 33.15 -13.71 -7.37
N ILE B 152 32.65 -13.32 -8.52
CA ILE B 152 32.42 -14.22 -9.63
C ILE B 152 32.06 -13.31 -10.78
N GLN B 153 32.48 -13.63 -12.00
CA GLN B 153 31.98 -12.94 -13.19
C GLN B 153 31.99 -11.42 -13.27
N GLY B 154 33.13 -10.86 -12.92
CA GLY B 154 33.28 -9.42 -13.00
C GLY B 154 32.73 -8.65 -11.81
N GLU B 155 32.12 -9.29 -10.83
CA GLU B 155 31.68 -8.61 -9.64
C GLU B 155 32.72 -8.86 -8.56
N TYR B 156 32.87 -7.91 -7.64
CA TYR B 156 33.89 -7.96 -6.62
C TYR B 156 33.28 -7.62 -5.31
N MET B 157 33.78 -8.11 -4.18
CA MET B 157 33.22 -7.77 -2.88
C MET B 157 34.29 -7.13 -2.05
N ILE B 158 33.90 -6.31 -1.09
CA ILE B 158 34.81 -5.62 -0.18
C ILE B 158 34.16 -5.76 1.22
N PRO B 159 34.85 -5.94 2.36
CA PRO B 159 34.23 -5.95 3.67
C PRO B 159 33.63 -4.58 3.92
N CYS B 160 32.38 -4.54 4.33
CA CYS B 160 31.73 -3.26 4.65
C CYS B 160 32.51 -2.47 5.69
N GLU B 161 33.28 -3.18 6.50
CA GLU B 161 34.13 -2.63 7.54
C GLU B 161 35.26 -1.85 6.94
N LYS B 162 35.69 -2.32 5.80
CA LYS B 162 36.81 -1.75 5.10
C LYS B 162 36.42 -0.53 4.26
N VAL B 163 35.15 -0.23 4.04
CA VAL B 163 34.74 0.86 3.17
C VAL B 163 35.30 2.25 3.52
N SER B 164 35.48 2.67 4.77
CA SER B 164 36.01 3.98 5.08
C SER B 164 37.49 4.16 4.78
N THR B 165 38.24 3.08 4.48
CA THR B 165 39.66 3.16 4.19
C THR B 165 39.92 3.32 2.69
N LEU B 166 38.85 3.17 1.94
CA LEU B 166 38.89 3.12 0.50
C LEU B 166 39.09 4.48 -0.16
N PRO B 167 39.72 4.54 -1.33
CA PRO B 167 39.82 5.74 -2.16
C PRO B 167 38.49 6.29 -2.69
N ALA B 168 38.42 7.56 -3.06
CA ALA B 168 37.29 8.11 -3.80
C ALA B 168 37.66 8.00 -5.26
N ILE B 169 36.70 7.87 -6.17
CA ILE B 169 37.01 7.68 -7.57
C ILE B 169 36.33 8.83 -8.21
N THR B 170 36.97 9.48 -9.15
CA THR B 170 36.41 10.65 -9.78
C THR B 170 36.25 10.33 -11.26
N LEU B 171 35.09 10.53 -11.85
CA LEU B 171 34.94 10.37 -13.29
C LEU B 171 34.99 11.78 -13.80
N LYS B 172 35.74 12.10 -14.83
CA LYS B 172 35.79 13.47 -15.32
C LYS B 172 34.96 13.50 -16.58
N LEU B 173 33.88 14.24 -16.49
CA LEU B 173 32.92 14.38 -17.57
C LEU B 173 32.88 15.84 -17.98
N GLY B 174 33.18 16.10 -19.26
CA GLY B 174 33.12 17.44 -19.82
C GLY B 174 33.95 18.43 -19.04
N GLY B 175 35.14 18.02 -18.63
CA GLY B 175 36.03 18.92 -17.93
C GLY B 175 35.79 18.89 -16.45
N LYS B 176 34.59 18.61 -15.93
CA LYS B 176 34.39 18.56 -14.48
C LYS B 176 34.64 17.18 -13.89
N GLY B 177 35.03 17.10 -12.63
CA GLY B 177 35.27 15.84 -11.97
C GLY B 177 34.06 15.58 -11.12
N TYR B 178 33.44 14.39 -11.19
CA TYR B 178 32.28 14.01 -10.39
C TYR B 178 32.83 12.97 -9.44
N LYS B 179 32.77 13.21 -8.14
CA LYS B 179 33.40 12.32 -7.17
C LYS B 179 32.48 11.27 -6.59
N LEU B 180 32.90 10.02 -6.49
CA LEU B 180 32.15 8.95 -5.84
C LEU B 180 33.02 8.55 -4.67
N SER B 181 32.50 8.71 -3.48
CA SER B 181 33.25 8.35 -2.31
C SER B 181 33.00 6.87 -2.11
N PRO B 182 33.71 6.19 -1.22
CA PRO B 182 33.52 4.77 -0.98
C PRO B 182 32.11 4.38 -0.64
N GLU B 183 31.36 5.21 0.07
CA GLU B 183 29.98 4.90 0.40
C GLU B 183 29.08 5.08 -0.81
N ASP B 184 29.42 5.90 -1.78
CA ASP B 184 28.65 6.00 -3.00
C ASP B 184 28.86 4.80 -3.88
N TYR B 185 30.07 4.28 -4.05
CA TYR B 185 30.21 3.16 -4.94
C TYR B 185 30.19 1.77 -4.32
N THR B 186 29.72 1.50 -3.10
CA THR B 186 29.65 0.11 -2.61
C THR B 186 28.22 -0.18 -2.15
N LEU B 187 27.65 -1.38 -2.31
CA LEU B 187 26.28 -1.64 -1.90
C LEU B 187 26.25 -2.68 -0.80
N LYS B 188 25.45 -2.51 0.24
CA LYS B 188 25.38 -3.52 1.28
C LYS B 188 24.43 -4.59 0.78
N VAL B 189 24.72 -5.87 0.95
CA VAL B 189 23.83 -6.94 0.52
C VAL B 189 23.67 -7.96 1.63
N SER B 190 22.67 -8.86 1.62
CA SER B 190 22.40 -9.80 2.71
C SER B 190 21.71 -11.10 2.28
N GLN B 191 21.91 -12.23 3.00
CA GLN B 191 21.23 -13.54 2.85
C GLN B 191 21.43 -14.26 4.19
N ALA B 192 22.72 -14.36 4.55
CA ALA B 192 23.20 -14.67 5.88
C ALA B 192 23.21 -13.18 6.24
N GLY B 193 24.13 -12.36 5.70
CA GLY B 193 23.95 -10.92 5.78
C GLY B 193 25.01 -9.98 6.35
N LYS B 194 24.83 -8.75 5.84
CA LYS B 194 25.57 -7.53 6.15
C LYS B 194 27.07 -7.77 6.02
N THR B 195 28.02 -6.91 6.40
CA THR B 195 29.47 -7.12 6.26
C THR B 195 30.01 -7.45 4.85
N LEU B 196 29.03 -7.62 3.95
CA LEU B 196 29.13 -8.06 2.60
C LEU B 196 28.65 -6.83 1.87
N CYS B 197 29.64 -6.17 1.30
CA CYS B 197 29.41 -5.04 0.46
C CYS B 197 30.01 -5.44 -0.86
N LEU B 198 29.24 -5.13 -1.88
CA LEU B 198 29.64 -5.33 -3.25
C LEU B 198 30.49 -4.14 -3.64
N SER B 199 31.53 -4.26 -4.44
CA SER B 199 32.20 -3.10 -4.99
C SER B 199 31.29 -2.72 -6.17
N GLY B 200 30.88 -1.46 -6.22
CA GLY B 200 29.93 -1.00 -7.23
C GLY B 200 30.50 -0.92 -8.62
N PHE B 201 31.60 -1.54 -9.03
CA PHE B 201 32.04 -1.51 -10.42
C PHE B 201 32.08 -2.93 -10.84
N MET B 202 31.51 -3.22 -11.97
CA MET B 202 31.47 -4.55 -12.49
C MET B 202 32.34 -4.54 -13.74
N GLY B 203 33.12 -5.57 -14.01
CA GLY B 203 33.95 -5.60 -15.20
C GLY B 203 33.26 -6.37 -16.30
N MET B 204 32.83 -5.78 -17.41
CA MET B 204 32.14 -6.53 -18.46
C MET B 204 32.56 -5.91 -19.79
N ASP B 205 32.97 -6.71 -20.77
CA ASP B 205 33.41 -6.14 -22.03
C ASP B 205 32.19 -6.11 -22.90
N ILE B 206 31.99 -4.98 -23.55
CA ILE B 206 30.90 -4.78 -24.47
C ILE B 206 31.53 -4.74 -25.85
N PRO B 207 31.16 -5.60 -26.78
CA PRO B 207 31.93 -5.86 -27.97
C PRO B 207 31.68 -4.77 -28.98
N PRO B 208 32.65 -4.50 -29.89
CA PRO B 208 32.41 -3.75 -31.10
C PRO B 208 31.25 -4.40 -31.82
N PRO B 209 30.46 -3.70 -32.62
CA PRO B 209 30.72 -2.34 -33.00
C PRO B 209 30.19 -1.28 -32.05
N SER B 210 29.35 -1.58 -31.06
CA SER B 210 28.87 -0.51 -30.19
C SER B 210 29.89 -0.20 -29.13
N GLY B 211 30.54 -1.25 -28.65
CA GLY B 211 31.45 -1.10 -27.56
C GLY B 211 32.83 -0.82 -28.07
N PRO B 212 33.83 -0.69 -27.19
CA PRO B 212 33.70 -0.71 -25.74
C PRO B 212 32.93 0.45 -25.14
N LEU B 213 32.36 0.35 -23.96
CA LEU B 213 31.55 1.40 -23.39
C LEU B 213 31.60 1.24 -21.89
N TRP B 214 31.77 2.32 -21.15
CA TRP B 214 31.56 2.29 -19.72
C TRP B 214 30.08 2.55 -19.58
N ILE B 215 29.45 2.07 -18.54
CA ILE B 215 28.02 2.29 -18.29
C ILE B 215 27.95 3.02 -16.96
N LEU B 216 27.21 4.12 -16.85
CA LEU B 216 27.10 4.87 -15.61
C LEU B 216 25.70 4.49 -15.18
N GLY B 217 25.66 3.53 -14.28
CA GLY B 217 24.40 3.04 -13.76
C GLY B 217 23.89 3.79 -12.54
N ASP B 218 22.97 3.13 -11.85
CA ASP B 218 22.33 3.69 -10.67
C ASP B 218 23.30 4.10 -9.57
N VAL B 219 24.50 3.51 -9.49
CA VAL B 219 25.53 3.97 -8.55
C VAL B 219 25.84 5.42 -8.85
N PHE B 220 26.00 5.85 -10.11
CA PHE B 220 26.31 7.24 -10.42
C PHE B 220 25.08 8.12 -10.33
N ILE B 221 23.95 7.66 -10.91
CA ILE B 221 22.71 8.46 -10.91
C ILE B 221 22.19 8.66 -9.51
N GLY B 222 22.62 7.84 -8.55
CA GLY B 222 22.26 7.96 -7.14
C GLY B 222 23.05 9.04 -6.43
N ARG B 223 24.23 9.45 -6.90
CA ARG B 223 24.92 10.56 -6.27
C ARG B 223 24.61 11.85 -7.04
N TYR B 224 24.50 11.72 -8.37
CA TYR B 224 24.26 12.86 -9.22
C TYR B 224 22.89 12.79 -9.88
N TYR B 225 21.96 13.69 -9.49
CA TYR B 225 20.63 13.82 -10.09
C TYR B 225 20.82 14.01 -11.60
N THR B 226 20.10 13.26 -12.45
CA THR B 226 20.32 13.25 -13.90
C THR B 226 19.14 13.76 -14.70
N VAL B 227 19.42 14.51 -15.76
CA VAL B 227 18.43 15.15 -16.59
C VAL B 227 18.67 14.68 -18.02
N PHE B 228 17.73 14.01 -18.65
CA PHE B 228 17.90 13.60 -20.03
C PHE B 228 17.12 14.59 -20.91
N ASP B 229 17.79 15.31 -21.79
CA ASP B 229 17.15 16.33 -22.60
C ASP B 229 16.88 15.92 -24.06
N ARG B 230 15.66 15.55 -24.45
CA ARG B 230 15.39 15.20 -25.83
C ARG B 230 15.35 16.37 -26.78
N ASP B 231 15.07 17.56 -26.24
CA ASP B 231 15.00 18.77 -27.03
C ASP B 231 16.35 19.21 -27.54
N ASN B 232 17.42 18.93 -26.81
CA ASN B 232 18.74 19.38 -27.23
C ASN B 232 19.81 18.30 -27.23
N ASN B 233 19.38 17.03 -27.09
CA ASN B 233 20.23 15.85 -27.02
C ASN B 233 21.47 16.01 -26.19
N ARG B 234 21.22 16.21 -24.89
CA ARG B 234 22.28 16.35 -23.92
C ARG B 234 21.80 15.81 -22.60
N VAL B 235 22.74 15.54 -21.71
CA VAL B 235 22.46 14.94 -20.43
C VAL B 235 22.91 15.97 -19.42
N GLY B 236 22.24 16.20 -18.30
CA GLY B 236 22.71 17.15 -17.31
C GLY B 236 22.75 16.50 -15.95
N PHE B 237 23.72 16.87 -15.13
CA PHE B 237 23.92 16.32 -13.80
C PHE B 237 24.07 17.42 -12.76
N ALA B 238 23.61 17.16 -11.55
CA ALA B 238 23.79 18.07 -10.41
C ALA B 238 23.88 17.20 -9.17
N GLU B 239 24.50 17.66 -8.09
CA GLU B 239 24.59 16.87 -6.87
C GLU B 239 23.21 16.50 -6.34
N ALA B 240 22.82 15.26 -6.13
CA ALA B 240 21.49 15.01 -5.59
C ALA B 240 21.52 15.47 -4.15
N ALA B 241 20.35 15.91 -3.72
CA ALA B 241 20.19 16.45 -2.40
C ALA B 241 19.75 15.31 -1.51
N GLY C 1 -31.37 -20.25 12.60
CA GLY C 1 -30.11 -19.79 12.04
C GLY C 1 -30.02 -20.20 10.57
N PRO C 2 -29.25 -19.58 9.66
CA PRO C 2 -28.56 -18.30 9.83
C PRO C 2 -29.43 -17.15 9.41
N ILE C 3 -29.18 -16.04 10.12
CA ILE C 3 -29.97 -14.82 9.94
C ILE C 3 -28.97 -13.87 9.34
N PRO C 4 -29.06 -13.60 8.06
CA PRO C 4 -28.35 -12.48 7.47
C PRO C 4 -29.07 -11.20 7.84
N GLU C 5 -28.29 -10.23 8.26
CA GLU C 5 -28.78 -8.95 8.63
C GLU C 5 -27.98 -8.02 7.73
N VAL C 6 -28.61 -7.17 6.93
CA VAL C 6 -27.84 -6.27 6.08
C VAL C 6 -27.47 -5.04 6.86
N LEU C 7 -26.33 -4.49 6.53
CA LEU C 7 -25.87 -3.31 7.23
C LEU C 7 -25.85 -2.17 6.23
N LYS C 8 -25.96 -0.94 6.70
CA LYS C 8 -25.84 0.20 5.84
C LYS C 8 -24.45 0.69 6.11
N ASN C 9 -23.93 1.49 5.20
CA ASN C 9 -22.60 2.02 5.34
C ASN C 9 -22.72 3.54 5.24
N TYR C 10 -22.26 4.28 6.24
CA TYR C 10 -22.23 5.71 6.16
C TYR C 10 -20.76 6.11 6.25
N MET C 11 -20.20 6.57 5.14
CA MET C 11 -18.84 7.13 5.07
C MET C 11 -17.72 6.16 5.36
N ASP C 12 -17.98 4.87 5.40
CA ASP C 12 -17.02 3.87 5.87
C ASP C 12 -16.58 4.13 7.30
N ALA C 13 -17.44 4.88 7.97
CA ALA C 13 -17.24 5.22 9.35
C ALA C 13 -18.34 4.61 10.20
N GLN C 14 -19.60 4.49 9.72
CA GLN C 14 -20.74 3.94 10.47
C GLN C 14 -21.42 2.80 9.73
N TYR C 15 -21.48 1.59 10.28
CA TYR C 15 -22.15 0.45 9.66
C TYR C 15 -23.22 0.02 10.67
N TYR C 16 -24.49 -0.04 10.28
CA TYR C 16 -25.58 -0.26 11.22
C TYR C 16 -26.69 -1.00 10.53
N GLY C 17 -27.51 -1.74 11.26
CA GLY C 17 -28.57 -2.51 10.66
C GLY C 17 -29.84 -2.33 11.48
N GLU C 18 -30.96 -2.83 10.99
CA GLU C 18 -32.25 -2.64 11.62
C GLU C 18 -32.71 -3.80 12.50
N ILE C 19 -33.10 -3.50 13.73
CA ILE C 19 -33.60 -4.49 14.67
C ILE C 19 -35.00 -4.01 15.07
N GLY C 20 -35.80 -4.88 15.66
CA GLY C 20 -37.10 -4.50 16.11
C GLY C 20 -37.14 -4.75 17.61
N ILE C 21 -37.78 -3.86 18.36
CA ILE C 21 -38.01 -4.10 19.76
C ILE C 21 -39.51 -4.00 19.92
N GLY C 22 -40.10 -4.97 20.60
CA GLY C 22 -41.49 -4.88 20.97
C GLY C 22 -42.36 -5.78 20.13
N THR C 23 -43.60 -5.92 20.59
CA THR C 23 -44.54 -6.71 19.86
C THR C 23 -45.72 -5.79 19.84
N PRO C 24 -46.16 -5.31 18.68
CA PRO C 24 -45.45 -5.38 17.42
C PRO C 24 -44.12 -4.63 17.45
N PRO C 25 -43.15 -5.10 16.65
CA PRO C 25 -41.83 -4.52 16.58
C PRO C 25 -41.77 -3.10 16.06
N GLN C 26 -41.00 -2.33 16.83
CA GLN C 26 -40.68 -0.94 16.57
C GLN C 26 -39.31 -1.06 15.96
N CYS C 27 -39.05 -0.43 14.85
CA CYS C 27 -37.75 -0.58 14.22
C CYS C 27 -36.73 0.49 14.58
N PHE C 28 -35.56 0.05 15.03
CA PHE C 28 -34.45 0.93 15.36
C PHE C 28 -33.26 0.57 14.50
N THR C 29 -32.28 1.44 14.28
CA THR C 29 -31.09 1.09 13.55
C THR C 29 -30.08 1.04 14.66
N VAL C 30 -29.15 0.11 14.66
CA VAL C 30 -28.18 -0.03 15.73
C VAL C 30 -26.87 -0.39 15.11
N VAL C 31 -25.76 -0.16 15.79
CA VAL C 31 -24.48 -0.62 15.30
C VAL C 31 -24.27 -1.91 16.08
N PHE C 32 -23.93 -3.03 15.45
CA PHE C 32 -23.70 -4.26 16.18
C PHE C 32 -22.23 -4.12 16.54
N ASP C 33 -21.98 -3.84 17.81
CA ASP C 33 -20.67 -3.46 18.29
C ASP C 33 -19.95 -4.53 19.10
N THR C 34 -18.89 -5.16 18.57
CA THR C 34 -18.17 -6.17 19.34
C THR C 34 -17.35 -5.55 20.45
N GLY C 35 -17.35 -4.23 20.57
CA GLY C 35 -16.61 -3.49 21.58
C GLY C 35 -17.39 -3.27 22.86
N SER C 36 -18.68 -3.61 22.96
CA SER C 36 -19.40 -3.46 24.21
C SER C 36 -20.41 -4.57 24.37
N SER C 37 -21.23 -4.58 25.42
CA SER C 37 -22.19 -5.64 25.67
C SER C 37 -23.65 -5.29 26.00
N ASN C 38 -24.10 -4.02 25.84
CA ASN C 38 -25.46 -3.68 26.22
C ASN C 38 -26.24 -3.24 25.02
N LEU C 39 -27.54 -3.43 24.98
CA LEU C 39 -28.39 -2.93 23.92
C LEU C 39 -29.06 -1.71 24.54
N TRP C 40 -29.20 -0.60 23.84
CA TRP C 40 -29.98 0.51 24.36
C TRP C 40 -30.54 1.22 23.13
N VAL C 41 -31.66 1.91 23.30
CA VAL C 41 -32.28 2.71 22.25
C VAL C 41 -32.84 4.00 22.91
N PRO C 42 -33.18 5.14 22.25
CA PRO C 42 -33.73 6.32 22.90
C PRO C 42 -35.11 6.00 23.46
N SER C 43 -35.50 6.55 24.59
CA SER C 43 -36.81 6.30 25.15
C SER C 43 -37.77 7.38 24.66
N ILE C 44 -39.10 7.21 24.48
CA ILE C 44 -40.00 8.37 24.30
C ILE C 44 -40.00 9.18 25.60
N HIS C 45 -39.39 8.76 26.71
CA HIS C 45 -39.35 9.60 27.90
C HIS C 45 -37.97 10.25 28.01
N CYS C 46 -37.31 10.54 26.88
CA CYS C 46 -36.00 11.18 26.91
C CYS C 46 -36.23 12.63 27.32
N LYS C 47 -35.25 13.22 27.98
CA LYS C 47 -35.32 14.61 28.39
C LYS C 47 -35.18 15.52 27.16
N LEU C 48 -35.72 16.74 27.17
CA LEU C 48 -35.48 17.65 26.05
C LEU C 48 -33.99 17.91 25.92
N LEU C 49 -33.19 17.73 26.99
CA LEU C 49 -31.73 17.89 27.01
C LEU C 49 -31.03 16.95 26.06
N ASP C 50 -31.65 15.83 25.75
CA ASP C 50 -31.02 14.85 24.92
C ASP C 50 -31.27 15.30 23.50
N ILE C 51 -30.40 16.15 22.95
CA ILE C 51 -30.56 16.66 21.57
C ILE C 51 -30.62 15.51 20.58
N ALA C 52 -29.87 14.46 20.86
CA ALA C 52 -29.83 13.28 20.01
C ALA C 52 -31.18 12.64 19.85
N CYS C 53 -31.94 12.64 20.93
CA CYS C 53 -33.25 12.04 20.98
C CYS C 53 -34.17 12.72 19.96
N TRP C 54 -34.07 14.02 19.79
CA TRP C 54 -34.97 14.75 18.93
C TRP C 54 -34.91 14.21 17.50
N ILE C 55 -33.75 13.71 17.07
CA ILE C 55 -33.64 13.26 15.70
C ILE C 55 -33.53 11.73 15.53
N HIS C 56 -33.80 10.88 16.51
CA HIS C 56 -33.65 9.46 16.29
C HIS C 56 -34.96 8.84 16.64
N HIS C 57 -35.08 7.51 16.57
CA HIS C 57 -36.32 6.84 16.88
C HIS C 57 -36.30 6.57 18.37
N LYS C 58 -37.45 6.61 18.99
CA LYS C 58 -37.64 6.50 20.42
C LYS C 58 -38.53 5.28 20.68
N TYR C 59 -38.36 4.54 21.77
CA TYR C 59 -39.14 3.37 22.07
C TYR C 59 -40.34 3.65 22.97
N ASN C 60 -41.56 3.30 22.54
CA ASN C 60 -42.78 3.50 23.32
C ASN C 60 -43.28 2.21 23.99
N SER C 61 -43.17 2.02 25.31
CA SER C 61 -43.61 0.82 26.03
C SER C 61 -45.08 0.47 25.81
N ASP C 62 -45.89 1.53 25.80
CA ASP C 62 -47.34 1.45 25.69
C ASP C 62 -47.84 0.75 24.46
N LYS C 63 -47.02 0.64 23.42
CA LYS C 63 -47.42 0.00 22.19
C LYS C 63 -46.81 -1.40 22.04
N SER C 64 -46.70 -2.14 23.15
CA SER C 64 -46.14 -3.46 23.07
C SER C 64 -46.78 -4.41 24.05
N SER C 65 -47.37 -5.46 23.49
CA SER C 65 -47.94 -6.55 24.26
C SER C 65 -46.88 -7.17 25.17
N THR C 66 -45.64 -7.41 24.75
CA THR C 66 -44.61 -8.09 25.53
C THR C 66 -43.72 -7.26 26.47
N TYR C 67 -44.01 -5.98 26.60
CA TYR C 67 -43.17 -5.10 27.40
C TYR C 67 -43.31 -5.55 28.85
N VAL C 68 -42.20 -5.78 29.53
CA VAL C 68 -42.18 -6.17 30.93
C VAL C 68 -41.28 -5.10 31.56
N LYS C 69 -41.80 -4.46 32.59
CA LYS C 69 -41.14 -3.35 33.27
C LYS C 69 -39.96 -3.77 34.10
N ASN C 70 -38.91 -2.98 34.18
CA ASN C 70 -37.79 -3.30 35.05
C ASN C 70 -37.59 -2.09 35.92
N GLY C 71 -36.97 -1.01 35.43
CA GLY C 71 -36.85 0.19 36.22
C GLY C 71 -35.43 0.61 36.60
N THR C 72 -34.48 -0.30 36.73
CA THR C 72 -33.15 0.06 37.14
C THR C 72 -32.41 1.05 36.26
N SER C 73 -31.89 2.12 36.84
CA SER C 73 -31.06 3.06 36.11
C SER C 73 -29.73 2.47 35.72
N PHE C 74 -29.19 2.94 34.61
CA PHE C 74 -27.87 2.51 34.17
C PHE C 74 -27.18 3.77 33.72
N ASP C 75 -25.87 3.69 33.55
CA ASP C 75 -25.05 4.78 33.04
C ASP C 75 -24.00 4.06 32.22
N ILE C 76 -23.76 4.44 30.97
CA ILE C 76 -22.76 3.79 30.17
C ILE C 76 -21.90 4.92 29.74
N HIS C 77 -20.62 4.76 29.99
CA HIS C 77 -19.67 5.73 29.49
C HIS C 77 -19.00 4.97 28.39
N TYR C 78 -18.90 5.59 27.23
CA TYR C 78 -18.13 4.99 26.16
C TYR C 78 -16.80 5.74 26.11
N GLY C 79 -15.88 5.35 25.23
CA GLY C 79 -14.60 6.04 25.14
C GLY C 79 -14.77 7.22 24.21
N SER C 80 -15.79 8.03 24.53
CA SER C 80 -16.26 9.11 23.70
C SER C 80 -17.46 9.74 24.43
N GLY C 81 -18.67 9.22 24.16
CA GLY C 81 -19.90 9.78 24.70
C GLY C 81 -20.47 8.91 25.81
N SER C 82 -21.31 9.50 26.63
CA SER C 82 -21.94 8.82 27.75
C SER C 82 -23.43 8.85 27.48
N LEU C 83 -24.17 8.09 28.27
CA LEU C 83 -25.62 8.14 28.26
C LEU C 83 -26.12 7.43 29.49
N SER C 84 -27.40 7.53 29.76
CA SER C 84 -28.00 6.96 30.93
C SER C 84 -29.49 6.92 30.75
N GLY C 85 -30.19 6.12 31.56
CA GLY C 85 -31.63 6.00 31.49
C GLY C 85 -32.01 4.89 32.44
N TYR C 86 -33.00 4.05 32.09
CA TYR C 86 -33.43 2.94 32.92
C TYR C 86 -33.63 1.69 32.07
N LEU C 87 -33.57 0.50 32.66
CA LEU C 87 -33.66 -0.74 31.92
C LEU C 87 -35.09 -1.17 31.71
N SER C 88 -35.39 -1.89 30.64
CA SER C 88 -36.72 -2.40 30.39
C SER C 88 -36.61 -3.74 29.68
N GLN C 89 -37.69 -4.53 29.60
CA GLN C 89 -37.58 -5.84 29.01
C GLN C 89 -38.61 -6.01 27.93
N ASP C 90 -38.23 -6.72 26.86
CA ASP C 90 -39.10 -6.96 25.73
C ASP C 90 -38.39 -7.92 24.75
N THR C 91 -39.06 -8.29 23.66
CA THR C 91 -38.55 -9.13 22.58
C THR C 91 -37.78 -8.30 21.54
N VAL C 92 -36.60 -8.77 21.15
CA VAL C 92 -35.76 -8.18 20.11
C VAL C 92 -35.94 -9.04 18.87
N SER C 93 -36.24 -8.45 17.74
CA SER C 93 -36.45 -9.16 16.52
C SER C 93 -35.30 -8.74 15.62
N VAL C 94 -34.51 -9.66 15.04
CA VAL C 94 -33.50 -9.28 14.05
C VAL C 94 -33.90 -10.04 12.80
N PRO C 95 -34.10 -9.44 11.62
CA PRO C 95 -34.34 -8.01 11.42
C PRO C 95 -35.65 -7.47 11.97
N CYS C 96 -35.97 -6.20 11.79
CA CYS C 96 -37.25 -5.66 12.25
C CYS C 96 -38.34 -6.32 11.41
N GLN C 97 -39.26 -7.05 12.02
CA GLN C 97 -40.18 -7.86 11.26
C GLN C 97 -41.63 -7.37 11.34
N GLY D 1 -33.78 -15.20 7.12
CA GLY D 1 -33.85 -15.73 8.47
C GLY D 1 -34.86 -14.85 9.22
N GLY D 2 -34.86 -14.85 10.55
CA GLY D 2 -35.71 -14.03 11.36
C GLY D 2 -35.57 -14.63 12.73
N VAL D 3 -35.20 -13.90 13.77
CA VAL D 3 -35.14 -14.47 15.11
C VAL D 3 -35.76 -13.48 16.04
N LYS D 4 -36.44 -14.00 17.06
CA LYS D 4 -37.02 -13.16 18.06
C LYS D 4 -36.38 -13.63 19.37
N VAL D 5 -35.47 -12.83 19.91
CA VAL D 5 -34.83 -13.11 21.18
C VAL D 5 -35.84 -12.57 22.16
N GLU D 6 -36.25 -13.37 23.13
CA GLU D 6 -37.28 -12.97 24.07
C GLU D 6 -36.65 -12.64 25.39
N ARG D 7 -37.43 -11.94 26.20
CA ARG D 7 -37.02 -11.57 27.52
C ARG D 7 -35.69 -10.84 27.52
N GLN D 8 -35.52 -9.97 26.54
CA GLN D 8 -34.29 -9.23 26.49
C GLN D 8 -34.43 -7.95 27.30
N VAL D 9 -33.59 -7.72 28.32
CA VAL D 9 -33.53 -6.44 29.05
C VAL D 9 -32.56 -5.49 28.30
N PHE D 10 -32.92 -4.22 28.13
CA PHE D 10 -32.16 -3.27 27.34
C PHE D 10 -32.33 -1.90 27.95
N GLY D 11 -31.45 -0.97 27.63
CA GLY D 11 -31.54 0.35 28.20
C GLY D 11 -32.42 1.26 27.36
N GLU D 12 -33.26 2.00 28.05
CA GLU D 12 -34.11 3.02 27.48
C GLU D 12 -33.35 4.30 27.79
N ALA D 13 -32.65 4.91 26.82
CA ALA D 13 -31.89 6.13 27.09
C ALA D 13 -32.74 7.38 27.15
N THR D 14 -32.56 8.15 28.22
CA THR D 14 -33.27 9.39 28.37
C THR D 14 -32.32 10.58 28.36
N LYS D 15 -31.02 10.45 28.66
CA LYS D 15 -30.08 11.56 28.56
C LYS D 15 -28.85 11.03 27.84
N GLN D 16 -28.33 11.74 26.86
CA GLN D 16 -27.18 11.30 26.10
C GLN D 16 -26.46 12.61 25.86
N PRO D 17 -25.44 12.98 26.62
CA PRO D 17 -24.70 14.24 26.45
C PRO D 17 -23.72 14.33 25.27
N GLY D 18 -23.49 15.58 24.83
CA GLY D 18 -22.48 15.88 23.83
C GLY D 18 -22.93 15.60 22.41
N ILE D 19 -22.13 16.15 21.52
CA ILE D 19 -22.41 16.08 20.08
C ILE D 19 -22.24 14.68 19.47
N THR D 20 -21.65 13.78 20.25
CA THR D 20 -21.39 12.43 19.80
C THR D 20 -22.61 11.64 19.32
N PHE D 21 -23.79 11.51 19.95
CA PHE D 21 -24.85 10.76 19.30
C PHE D 21 -25.74 11.64 18.43
N ILE D 22 -25.46 12.95 18.22
CA ILE D 22 -26.24 13.81 17.30
C ILE D 22 -25.72 13.44 15.92
N ALA D 23 -24.41 13.28 15.90
CA ALA D 23 -23.63 12.97 14.72
C ALA D 23 -23.94 11.62 14.10
N ALA D 24 -24.23 10.66 14.95
CA ALA D 24 -24.55 9.32 14.51
C ALA D 24 -25.83 9.18 13.71
N LYS D 25 -25.75 8.50 12.58
CA LYS D 25 -26.91 8.22 11.79
C LYS D 25 -27.75 7.09 12.43
N PHE D 26 -27.23 6.27 13.37
CA PHE D 26 -28.00 5.18 13.97
C PHE D 26 -28.70 5.52 15.30
N ASP D 27 -29.80 4.84 15.68
CA ASP D 27 -30.48 5.13 16.94
C ASP D 27 -29.81 4.54 18.16
N GLY D 28 -29.06 3.44 18.15
CA GLY D 28 -28.48 2.93 19.38
C GLY D 28 -27.37 1.92 19.15
N ILE D 29 -27.07 1.09 20.15
CA ILE D 29 -25.99 0.14 20.07
C ILE D 29 -26.47 -1.18 20.64
N LEU D 30 -26.03 -2.25 19.96
CA LEU D 30 -26.31 -3.62 20.37
C LEU D 30 -24.90 -4.15 20.58
N GLY D 31 -24.45 -4.29 21.82
CA GLY D 31 -23.12 -4.79 22.12
C GLY D 31 -22.97 -6.30 21.94
N MET D 32 -21.85 -6.77 21.42
CA MET D 32 -21.69 -8.19 21.13
C MET D 32 -20.45 -8.78 21.75
N ALA D 33 -19.98 -8.15 22.84
CA ALA D 33 -18.81 -8.65 23.52
C ALA D 33 -19.28 -9.63 24.60
N TYR D 34 -18.39 -10.01 25.51
CA TYR D 34 -18.70 -11.00 26.53
C TYR D 34 -19.52 -10.36 27.62
N PRO D 35 -20.43 -11.06 28.32
CA PRO D 35 -21.19 -10.57 29.45
C PRO D 35 -20.41 -9.95 30.59
N ARG D 36 -19.10 -10.20 30.65
CA ARG D 36 -18.26 -9.68 31.71
C ARG D 36 -18.25 -8.16 31.66
N ILE D 37 -18.26 -7.54 30.48
CA ILE D 37 -18.19 -6.09 30.44
C ILE D 37 -19.57 -5.44 30.26
N SER D 38 -20.64 -6.15 30.61
CA SER D 38 -21.97 -5.61 30.50
C SER D 38 -22.25 -4.75 31.71
N VAL D 39 -22.78 -3.55 31.47
CA VAL D 39 -23.16 -2.60 32.51
C VAL D 39 -24.44 -3.17 33.13
N ASN D 40 -24.49 -3.17 34.47
CA ASN D 40 -25.56 -3.75 35.29
C ASN D 40 -25.68 -5.26 35.11
N ASN D 41 -24.62 -5.92 34.60
CA ASN D 41 -24.57 -7.34 34.33
C ASN D 41 -25.83 -7.88 33.70
N VAL D 42 -26.13 -7.20 32.60
CA VAL D 42 -27.30 -7.50 31.80
C VAL D 42 -26.84 -8.62 30.86
N LEU D 43 -27.58 -9.71 30.75
CA LEU D 43 -27.23 -10.72 29.76
C LEU D 43 -27.32 -10.13 28.34
N PRO D 44 -26.24 -10.06 27.55
CA PRO D 44 -26.23 -9.54 26.18
C PRO D 44 -27.16 -10.24 25.17
N VAL D 45 -27.58 -9.62 24.04
CA VAL D 45 -28.54 -10.23 23.10
C VAL D 45 -28.07 -11.58 22.56
N PHE D 46 -26.81 -11.69 22.16
CA PHE D 46 -26.29 -12.98 21.65
C PHE D 46 -26.26 -14.04 22.74
N ASP D 47 -25.80 -13.74 23.96
CA ASP D 47 -25.79 -14.71 25.02
C ASP D 47 -27.18 -15.25 25.28
N ASN D 48 -28.16 -14.35 25.26
CA ASN D 48 -29.55 -14.73 25.46
C ASN D 48 -30.05 -15.53 24.26
N LEU D 49 -29.68 -15.22 23.04
CA LEU D 49 -30.04 -16.00 21.87
C LEU D 49 -29.45 -17.42 21.94
N MET D 50 -28.26 -17.52 22.51
CA MET D 50 -27.58 -18.79 22.70
C MET D 50 -28.35 -19.65 23.68
N GLN D 51 -28.77 -19.09 24.82
CA GLN D 51 -29.53 -19.83 25.81
C GLN D 51 -30.83 -20.35 25.22
N GLN D 52 -31.46 -19.53 24.38
CA GLN D 52 -32.71 -19.88 23.74
C GLN D 52 -32.52 -20.78 22.54
N LYS D 53 -31.26 -21.02 22.23
CA LYS D 53 -30.78 -21.87 21.16
C LYS D 53 -31.46 -21.67 19.80
N LEU D 54 -31.34 -20.46 19.25
CA LEU D 54 -31.99 -20.13 17.98
C LEU D 54 -31.15 -20.25 16.70
N VAL D 55 -29.85 -20.54 16.85
CA VAL D 55 -28.92 -20.72 15.73
C VAL D 55 -28.22 -22.06 15.96
N ASP D 56 -27.63 -22.70 14.96
CA ASP D 56 -26.97 -23.98 15.18
C ASP D 56 -25.56 -23.78 15.72
N GLN D 57 -24.79 -22.90 15.07
CA GLN D 57 -23.42 -22.62 15.46
C GLN D 57 -23.50 -21.28 16.17
N ASN D 58 -22.94 -21.15 17.37
CA ASN D 58 -22.98 -19.89 18.09
C ASN D 58 -21.80 -19.04 17.72
N ILE D 59 -21.88 -18.59 16.46
CA ILE D 59 -20.90 -17.73 15.84
C ILE D 59 -21.65 -16.62 15.13
N PHE D 60 -21.00 -15.53 14.75
CA PHE D 60 -21.59 -14.48 13.93
C PHE D 60 -20.45 -13.85 13.16
N SER D 61 -20.66 -13.35 11.94
CA SER D 61 -19.57 -12.79 11.19
C SER D 61 -19.93 -11.58 10.36
N PHE D 62 -18.91 -10.77 10.07
CA PHE D 62 -19.12 -9.48 9.46
C PHE D 62 -18.41 -9.33 8.14
N TYR D 63 -19.17 -8.81 7.21
CA TYR D 63 -18.61 -8.44 5.93
C TYR D 63 -18.80 -6.93 5.97
N LEU D 64 -17.80 -6.09 5.70
CA LEU D 64 -18.05 -4.65 5.63
C LEU D 64 -17.57 -4.19 4.25
N SER D 65 -18.35 -3.46 3.45
CA SER D 65 -17.86 -3.01 2.19
C SER D 65 -17.18 -1.69 2.48
N ARG D 66 -16.04 -1.49 1.85
CA ARG D 66 -15.36 -0.23 1.97
C ARG D 66 -15.76 0.71 0.82
N ASP D 67 -16.87 0.53 0.13
CA ASP D 67 -17.25 1.44 -0.95
C ASP D 67 -18.58 2.01 -0.51
N PRO D 68 -18.71 3.24 0.00
CA PRO D 68 -19.95 3.76 0.55
C PRO D 68 -21.03 4.09 -0.48
N ASP D 69 -21.38 3.11 -1.29
CA ASP D 69 -22.26 3.25 -2.43
C ASP D 69 -22.65 1.85 -2.80
N ALA D 70 -21.69 0.91 -2.72
CA ALA D 70 -21.96 -0.47 -3.13
C ALA D 70 -22.89 -1.08 -2.12
N GLN D 71 -24.07 -1.39 -2.59
CA GLN D 71 -25.05 -1.99 -1.74
C GLN D 71 -24.87 -3.49 -1.85
N PRO D 72 -24.98 -4.29 -0.77
CA PRO D 72 -25.16 -3.80 0.60
C PRO D 72 -23.86 -3.22 1.16
N GLY D 73 -23.97 -2.32 2.12
CA GLY D 73 -22.79 -1.76 2.73
C GLY D 73 -22.08 -2.77 3.61
N GLY D 74 -22.66 -3.91 3.98
CA GLY D 74 -21.98 -4.94 4.74
C GLY D 74 -22.96 -6.05 5.06
N GLU D 75 -22.56 -7.11 5.75
CA GLU D 75 -23.49 -8.13 6.16
C GLU D 75 -23.05 -8.81 7.45
N LEU D 76 -23.97 -8.85 8.43
CA LEU D 76 -23.76 -9.56 9.68
C LEU D 76 -24.60 -10.83 9.55
N MET D 77 -23.98 -11.97 9.83
CA MET D 77 -24.74 -13.19 9.77
C MET D 77 -24.62 -13.84 11.12
N LEU D 78 -25.81 -14.09 11.64
CA LEU D 78 -25.99 -14.66 12.94
C LEU D 78 -26.09 -16.16 12.84
N GLY D 79 -25.20 -16.85 13.52
CA GLY D 79 -25.18 -18.28 13.55
C GLY D 79 -24.65 -18.93 12.30
N GLY D 80 -23.61 -18.39 11.69
CA GLY D 80 -23.06 -18.97 10.48
C GLY D 80 -22.01 -18.02 9.92
N THR D 81 -21.46 -18.31 8.75
CA THR D 81 -20.50 -17.47 8.06
C THR D 81 -20.97 -17.44 6.63
N ASP D 82 -20.62 -16.47 5.81
CA ASP D 82 -21.08 -16.43 4.46
C ASP D 82 -19.89 -16.53 3.50
N SER D 83 -19.61 -17.69 2.90
CA SER D 83 -18.46 -17.83 2.01
C SER D 83 -18.56 -16.99 0.76
N LYS D 84 -19.68 -16.36 0.44
CA LYS D 84 -19.73 -15.49 -0.73
C LYS D 84 -18.81 -14.30 -0.49
N TYR D 85 -18.52 -13.97 0.77
CA TYR D 85 -17.75 -12.82 1.13
C TYR D 85 -16.31 -12.99 1.57
N TYR D 86 -15.70 -14.18 1.58
CA TYR D 86 -14.32 -14.26 1.97
C TYR D 86 -13.61 -15.15 0.99
N LYS D 87 -12.30 -15.03 0.81
CA LYS D 87 -11.61 -15.82 -0.18
C LYS D 87 -10.80 -16.77 0.61
N GLY D 88 -10.79 -18.01 0.17
CA GLY D 88 -9.90 -18.98 0.77
C GLY D 88 -10.48 -19.62 2.01
N SER D 89 -9.54 -19.94 2.89
CA SER D 89 -9.79 -20.64 4.14
C SER D 89 -9.70 -19.64 5.27
N LEU D 90 -10.51 -19.89 6.30
CA LEU D 90 -10.66 -19.04 7.45
C LEU D 90 -9.54 -19.42 8.42
N SER D 91 -8.78 -18.48 8.97
CA SER D 91 -7.72 -18.76 9.91
C SER D 91 -8.20 -18.28 11.26
N TYR D 92 -8.06 -19.01 12.36
CA TYR D 92 -8.63 -18.61 13.64
C TYR D 92 -7.55 -18.37 14.66
N LEU D 93 -7.85 -17.60 15.70
CA LEU D 93 -6.93 -17.29 16.78
C LEU D 93 -7.78 -17.35 18.04
N ASN D 94 -7.25 -17.73 19.20
CA ASN D 94 -8.08 -17.85 20.40
C ASN D 94 -8.08 -16.51 21.11
N VAL D 95 -9.23 -16.20 21.72
CA VAL D 95 -9.41 -14.93 22.41
C VAL D 95 -8.54 -14.97 23.67
N THR D 96 -7.70 -13.96 23.95
CA THR D 96 -6.82 -13.96 25.12
C THR D 96 -7.50 -13.55 26.42
N ARG D 97 -8.69 -12.96 26.42
CA ARG D 97 -9.36 -12.52 27.64
C ARG D 97 -10.80 -12.37 27.24
N LYS D 98 -11.70 -12.98 27.99
CA LYS D 98 -13.10 -12.87 27.67
C LYS D 98 -13.84 -11.67 28.29
N ALA D 99 -13.50 -10.46 27.86
CA ALA D 99 -14.18 -9.25 28.27
C ALA D 99 -14.53 -8.74 26.88
N TYR D 100 -13.53 -8.33 26.09
CA TYR D 100 -13.65 -7.93 24.69
C TYR D 100 -13.25 -9.13 23.84
N TRP D 101 -13.23 -9.00 22.51
CA TRP D 101 -12.74 -10.06 21.68
C TRP D 101 -11.26 -9.72 21.55
N GLN D 102 -10.54 -9.97 22.63
CA GLN D 102 -9.13 -9.61 22.73
C GLN D 102 -8.36 -10.75 22.14
N VAL D 103 -7.29 -10.47 21.42
CA VAL D 103 -6.54 -11.49 20.71
C VAL D 103 -5.07 -11.08 20.83
N HIS D 104 -4.06 -11.90 20.58
CA HIS D 104 -2.70 -11.40 20.71
C HIS D 104 -2.03 -10.94 19.39
N LEU D 105 -1.51 -9.72 19.36
CA LEU D 105 -0.91 -9.20 18.15
C LEU D 105 0.58 -9.46 18.23
N ASP D 106 1.13 -10.09 17.21
CA ASP D 106 2.53 -10.47 17.25
C ASP D 106 3.44 -9.29 16.97
N GLN D 107 3.16 -8.50 15.93
CA GLN D 107 3.96 -7.32 15.62
C GLN D 107 3.30 -6.54 14.52
N VAL D 108 3.67 -5.28 14.32
CA VAL D 108 3.11 -4.44 13.26
C VAL D 108 4.31 -4.05 12.42
N GLU D 109 4.28 -4.16 11.09
CA GLU D 109 5.46 -3.91 10.29
C GLU D 109 5.07 -2.88 9.24
N VAL D 110 5.57 -1.66 9.32
CA VAL D 110 5.34 -0.68 8.27
C VAL D 110 6.49 -1.06 7.36
N ALA D 111 6.10 -1.41 6.13
CA ALA D 111 7.01 -1.88 5.09
C ALA D 111 8.39 -1.24 5.04
N SER D 112 8.48 0.05 5.35
CA SER D 112 9.75 0.76 5.44
C SER D 112 10.52 0.28 6.71
N GLY D 113 10.74 -1.01 6.93
CA GLY D 113 11.48 -1.54 8.06
C GLY D 113 10.91 -1.26 9.47
N LEU D 114 10.11 -0.23 9.70
CA LEU D 114 9.66 0.06 11.04
C LEU D 114 8.76 -1.05 11.58
N THR D 115 9.10 -1.52 12.77
CA THR D 115 8.36 -2.59 13.40
C THR D 115 7.88 -1.99 14.70
N LEU D 116 6.57 -1.93 14.87
CA LEU D 116 5.94 -1.39 16.06
C LEU D 116 5.39 -2.61 16.77
N CYS D 117 5.26 -2.56 18.10
CA CYS D 117 4.78 -3.70 18.86
C CYS D 117 5.66 -4.92 18.58
N LYS D 118 6.97 -4.77 18.74
CA LYS D 118 7.84 -5.92 18.52
C LYS D 118 7.91 -6.67 19.83
N GLU D 119 8.13 -7.96 19.75
CA GLU D 119 8.03 -8.91 20.87
C GLU D 119 6.55 -9.12 21.26
N GLY D 120 5.60 -8.22 20.99
CA GLY D 120 4.20 -8.57 21.07
C GLY D 120 3.33 -7.69 21.94
N CYS D 121 2.10 -7.48 21.46
CA CYS D 121 1.10 -6.71 22.17
C CYS D 121 -0.29 -7.35 22.11
N GLU D 122 -1.35 -6.73 22.63
CA GLU D 122 -2.70 -7.27 22.65
C GLU D 122 -3.62 -6.35 21.85
N ALA D 123 -4.64 -6.89 21.20
CA ALA D 123 -5.52 -6.11 20.35
C ALA D 123 -6.94 -6.60 20.53
N ILE D 124 -7.94 -5.75 20.42
CA ILE D 124 -9.32 -6.20 20.48
C ILE D 124 -9.84 -6.00 19.08
N VAL D 125 -10.75 -6.81 18.59
CA VAL D 125 -11.35 -6.63 17.29
C VAL D 125 -12.69 -5.90 17.55
N ASP D 126 -12.96 -4.71 16.99
CA ASP D 126 -14.13 -3.93 17.34
C ASP D 126 -14.88 -3.41 16.11
N THR D 127 -16.15 -3.75 15.95
CA THR D 127 -16.90 -3.31 14.80
C THR D 127 -17.45 -1.93 15.00
N GLY D 128 -17.35 -1.48 16.24
CA GLY D 128 -17.79 -0.14 16.57
C GLY D 128 -16.78 0.96 16.32
N THR D 129 -15.49 0.68 16.11
CA THR D 129 -14.53 1.73 15.86
C THR D 129 -14.18 1.78 14.38
N SER D 130 -14.29 2.88 13.64
CA SER D 130 -13.94 2.93 12.23
C SER D 130 -12.47 2.77 11.96
N LEU D 131 -11.64 3.41 12.77
CA LEU D 131 -10.21 3.41 12.55
C LEU D 131 -9.50 2.33 13.36
N MET D 132 -8.24 2.21 13.04
CA MET D 132 -7.33 1.32 13.70
C MET D 132 -6.84 2.17 14.85
N VAL D 133 -6.54 1.73 16.07
CA VAL D 133 -5.94 2.65 17.02
C VAL D 133 -4.89 1.91 17.80
N GLY D 134 -3.86 2.64 18.15
CA GLY D 134 -2.76 2.10 18.91
C GLY D 134 -2.23 3.23 19.79
N PRO D 135 -1.24 2.96 20.67
CA PRO D 135 -0.54 3.98 21.44
C PRO D 135 -0.09 5.23 20.67
N VAL D 136 -0.24 6.39 21.31
CA VAL D 136 0.10 7.66 20.71
C VAL D 136 1.53 7.69 20.19
N ASP D 137 2.49 7.35 21.05
CA ASP D 137 3.89 7.29 20.69
C ASP D 137 4.19 6.37 19.51
N GLU D 138 3.66 5.15 19.51
CA GLU D 138 3.86 4.22 18.41
C GLU D 138 3.20 4.62 17.10
N VAL D 139 1.93 5.01 17.13
CA VAL D 139 1.24 5.45 15.94
C VAL D 139 1.96 6.67 15.40
N ARG D 140 2.36 7.63 16.24
CA ARG D 140 3.17 8.80 15.83
C ARG D 140 4.36 8.34 15.02
N GLU D 141 5.11 7.33 15.46
CA GLU D 141 6.20 6.80 14.67
C GLU D 141 5.72 6.20 13.36
N LEU D 142 4.61 5.45 13.32
CA LEU D 142 4.06 4.93 12.08
C LEU D 142 3.68 6.08 11.15
N GLN D 143 3.08 7.14 11.66
CA GLN D 143 2.62 8.24 10.85
C GLN D 143 3.78 9.00 10.25
N LYS D 144 4.84 9.18 11.04
CA LYS D 144 6.09 9.77 10.56
C LYS D 144 6.65 8.92 9.42
N ALA D 145 6.72 7.60 9.60
CA ALA D 145 7.20 6.67 8.59
C ALA D 145 6.44 6.71 7.26
N ILE D 146 5.12 6.95 7.27
CA ILE D 146 4.34 6.99 6.02
C ILE D 146 4.10 8.39 5.47
N GLY D 147 4.55 9.44 6.18
CA GLY D 147 4.47 10.80 5.68
C GLY D 147 3.15 11.52 5.90
N ALA D 148 2.51 11.23 7.01
CA ALA D 148 1.25 11.88 7.28
C ALA D 148 1.54 12.99 8.30
N VAL D 149 0.71 14.02 8.31
CA VAL D 149 0.90 15.15 9.22
C VAL D 149 -0.29 15.21 10.14
N PRO D 150 -0.15 15.68 11.38
CA PRO D 150 -1.19 15.75 12.40
C PRO D 150 -2.35 16.65 12.08
N LEU D 151 -3.58 16.28 12.39
CA LEU D 151 -4.68 17.20 12.21
C LEU D 151 -4.92 17.68 13.62
N ILE D 152 -5.65 16.89 14.39
CA ILE D 152 -6.04 17.25 15.73
C ILE D 152 -6.20 15.93 16.48
N GLN D 153 -5.64 15.90 17.68
CA GLN D 153 -5.70 14.79 18.63
C GLN D 153 -5.67 13.34 18.11
N GLY D 154 -4.50 12.87 17.67
CA GLY D 154 -4.36 11.49 17.24
C GLY D 154 -4.82 11.20 15.83
N GLU D 155 -5.49 12.10 15.12
CA GLU D 155 -5.85 11.88 13.75
C GLU D 155 -4.76 12.50 12.87
N TYR D 156 -4.41 11.91 11.72
CA TYR D 156 -3.36 12.40 10.85
C TYR D 156 -3.95 12.40 9.45
N MET D 157 -3.48 13.27 8.57
CA MET D 157 -3.99 13.40 7.22
C MET D 157 -2.84 13.13 6.27
N ILE D 158 -3.15 12.77 5.03
CA ILE D 158 -2.17 12.45 3.98
C ILE D 158 -2.66 13.22 2.75
N PRO D 159 -1.78 13.82 1.92
CA PRO D 159 -2.14 14.40 0.64
C PRO D 159 -2.71 13.28 -0.24
N CYS D 160 -3.95 13.42 -0.68
CA CYS D 160 -4.61 12.34 -1.43
C CYS D 160 -3.86 11.74 -2.62
N GLU D 161 -3.20 12.50 -3.50
CA GLU D 161 -2.47 11.91 -4.63
C GLU D 161 -1.21 11.14 -4.24
N LYS D 162 -0.77 11.31 -3.00
CA LYS D 162 0.37 10.59 -2.51
C LYS D 162 -0.06 9.21 -2.04
N VAL D 163 -1.34 8.93 -1.70
CA VAL D 163 -1.84 7.67 -1.12
C VAL D 163 -1.27 6.42 -1.77
N SER D 164 -1.40 6.39 -3.08
CA SER D 164 -0.96 5.32 -3.95
C SER D 164 0.45 4.76 -3.73
N THR D 165 1.37 5.67 -3.41
CA THR D 165 2.80 5.40 -3.36
C THR D 165 3.29 4.92 -2.00
N LEU D 166 2.40 5.01 -1.01
CA LEU D 166 2.75 4.74 0.35
C LEU D 166 3.11 3.28 0.63
N PRO D 167 3.87 2.97 1.70
CA PRO D 167 4.18 1.61 2.10
C PRO D 167 2.97 0.79 2.59
N ALA D 168 3.03 -0.54 2.51
CA ALA D 168 1.96 -1.37 3.05
C ALA D 168 2.23 -1.59 4.52
N ILE D 169 1.21 -1.72 5.35
CA ILE D 169 1.40 -2.00 6.76
C ILE D 169 0.85 -3.41 7.00
N THR D 170 1.67 -4.26 7.61
CA THR D 170 1.34 -5.65 7.88
C THR D 170 1.24 -5.94 9.38
N LEU D 171 0.10 -6.46 9.83
CA LEU D 171 -0.09 -6.84 11.21
C LEU D 171 0.05 -8.34 11.23
N LYS D 172 0.92 -8.86 12.08
CA LYS D 172 1.19 -10.28 12.11
C LYS D 172 0.25 -10.79 13.16
N LEU D 173 -0.82 -11.47 12.80
CA LEU D 173 -1.70 -12.05 13.79
C LEU D 173 -1.53 -13.56 13.72
N GLY D 174 -1.09 -14.11 14.85
CA GLY D 174 -0.96 -15.54 14.97
C GLY D 174 -0.10 -16.17 13.87
N GLY D 175 0.99 -15.51 13.51
CA GLY D 175 1.92 -16.11 12.60
C GLY D 175 1.76 -15.58 11.19
N LYS D 176 0.53 -15.44 10.70
CA LYS D 176 0.37 -14.87 9.38
C LYS D 176 0.31 -13.36 9.48
N GLY D 177 0.74 -12.76 8.40
CA GLY D 177 0.73 -11.32 8.28
C GLY D 177 -0.50 -10.97 7.46
N TYR D 178 -1.21 -9.95 7.92
CA TYR D 178 -2.40 -9.47 7.28
C TYR D 178 -1.98 -8.07 6.85
N LYS D 179 -2.04 -7.89 5.54
CA LYS D 179 -1.52 -6.75 4.84
C LYS D 179 -2.60 -5.76 4.52
N LEU D 180 -2.30 -4.52 4.85
CA LEU D 180 -3.16 -3.42 4.55
C LEU D 180 -2.34 -2.49 3.68
N SER D 181 -2.74 -2.35 2.43
CA SER D 181 -2.10 -1.45 1.52
C SER D 181 -2.66 -0.03 1.75
N PRO D 182 -2.07 1.10 1.33
CA PRO D 182 -2.59 2.44 1.54
C PRO D 182 -4.05 2.70 1.19
N GLU D 183 -4.59 2.09 0.14
CA GLU D 183 -5.96 2.31 -0.25
C GLU D 183 -6.92 1.74 0.79
N ASP D 184 -6.50 0.72 1.55
CA ASP D 184 -7.31 0.07 2.56
C ASP D 184 -7.25 0.83 3.87
N TYR D 185 -6.06 1.35 4.21
CA TYR D 185 -5.99 2.06 5.46
C TYR D 185 -6.11 3.58 5.33
N THR D 186 -6.65 4.19 4.27
CA THR D 186 -6.86 5.64 4.23
C THR D 186 -8.34 5.81 3.89
N LEU D 187 -8.94 6.89 4.38
CA LEU D 187 -10.34 7.17 4.18
C LEU D 187 -10.48 8.54 3.55
N LYS D 188 -11.47 8.74 2.68
CA LYS D 188 -11.71 10.02 2.07
C LYS D 188 -12.85 10.71 2.80
N VAL D 189 -12.66 11.97 3.15
CA VAL D 189 -13.61 12.73 3.93
C VAL D 189 -13.85 14.08 3.28
N SER D 190 -15.04 14.65 3.35
CA SER D 190 -15.33 15.98 2.83
C SER D 190 -15.50 16.94 3.97
N GLN D 191 -14.72 18.01 4.03
CA GLN D 191 -14.99 19.07 4.99
C GLN D 191 -15.22 20.19 4.01
N ALA D 192 -16.44 20.75 4.17
CA ALA D 192 -17.09 21.70 3.26
C ALA D 192 -17.26 20.89 1.97
N GLY D 193 -17.02 21.40 0.76
CA GLY D 193 -17.09 20.53 -0.41
C GLY D 193 -15.70 20.02 -0.76
N LYS D 194 -14.75 19.93 0.17
CA LYS D 194 -13.39 19.58 -0.18
C LYS D 194 -13.13 18.21 0.36
N THR D 195 -12.54 17.33 -0.41
CA THR D 195 -12.15 16.03 0.10
C THR D 195 -10.70 15.97 0.48
N LEU D 196 -10.47 15.32 1.61
CA LEU D 196 -9.17 15.15 2.21
C LEU D 196 -9.01 13.65 2.47
N CYS D 197 -7.79 13.18 2.73
CA CYS D 197 -7.55 11.76 2.99
C CYS D 197 -7.02 11.55 4.41
N LEU D 198 -7.81 10.89 5.25
CA LEU D 198 -7.47 10.65 6.65
C LEU D 198 -6.69 9.37 6.70
N SER D 199 -5.62 9.36 7.48
CA SER D 199 -4.85 8.15 7.71
C SER D 199 -5.76 7.29 8.59
N GLY D 200 -5.76 5.99 8.32
CA GLY D 200 -6.61 5.05 9.03
C GLY D 200 -6.07 4.69 10.38
N PHE D 201 -4.96 5.22 10.89
CA PHE D 201 -4.50 4.87 12.22
C PHE D 201 -4.64 6.12 13.02
N MET D 202 -5.24 5.99 14.19
CA MET D 202 -5.47 7.09 15.12
C MET D 202 -4.61 6.81 16.34
N GLY D 203 -3.96 7.78 16.95
CA GLY D 203 -3.20 7.50 18.15
C GLY D 203 -4.06 7.71 19.39
N MET D 204 -4.27 6.73 20.24
CA MET D 204 -4.99 6.94 21.47
C MET D 204 -4.56 5.85 22.41
N ASP D 205 -4.31 6.25 23.66
CA ASP D 205 -3.90 5.32 24.69
C ASP D 205 -5.07 4.82 25.51
N ILE D 206 -5.31 3.51 25.53
CA ILE D 206 -6.40 2.96 26.31
C ILE D 206 -5.80 2.66 27.66
N PRO D 207 -6.20 3.29 28.77
CA PRO D 207 -5.59 3.09 30.07
C PRO D 207 -5.64 1.65 30.55
N PRO D 208 -4.53 1.09 31.07
CA PRO D 208 -4.56 -0.03 32.02
C PRO D 208 -5.48 0.39 33.15
N PRO D 209 -6.55 -0.32 33.49
CA PRO D 209 -6.65 -1.79 33.49
C PRO D 209 -6.83 -2.55 32.18
N SER D 210 -7.69 -1.98 31.35
CA SER D 210 -8.10 -2.57 30.10
C SER D 210 -7.00 -2.53 29.07
N GLY D 211 -6.42 -1.34 28.88
CA GLY D 211 -5.35 -1.17 27.94
C GLY D 211 -4.04 -1.58 28.56
N PRO D 212 -2.86 -1.46 27.94
CA PRO D 212 -2.65 -0.90 26.61
C PRO D 212 -3.12 -1.83 25.49
N LEU D 213 -3.93 -1.36 24.54
CA LEU D 213 -4.47 -2.22 23.52
C LEU D 213 -4.36 -1.54 22.17
N TRP D 214 -4.19 -2.33 21.13
CA TRP D 214 -4.36 -1.85 19.77
C TRP D 214 -5.81 -2.25 19.53
N ILE D 215 -6.52 -1.60 18.61
CA ILE D 215 -7.92 -1.89 18.34
C ILE D 215 -7.99 -2.06 16.85
N LEU D 216 -8.57 -3.18 16.42
CA LEU D 216 -8.70 -3.46 15.03
C LEU D 216 -10.16 -3.15 14.70
N GLY D 217 -10.40 -1.92 14.27
CA GLY D 217 -11.72 -1.49 13.92
C GLY D 217 -12.02 -1.86 12.49
N ASP D 218 -13.02 -1.16 11.97
CA ASP D 218 -13.54 -1.38 10.64
C ASP D 218 -12.55 -1.31 9.49
N VAL D 219 -11.44 -0.56 9.58
CA VAL D 219 -10.37 -0.53 8.57
C VAL D 219 -9.83 -1.94 8.34
N PHE D 220 -9.59 -2.71 9.41
CA PHE D 220 -9.09 -4.07 9.27
C PHE D 220 -10.21 -4.96 8.74
N ILE D 221 -11.38 -4.95 9.39
CA ILE D 221 -12.51 -5.80 9.02
C ILE D 221 -12.97 -5.57 7.59
N GLY D 222 -12.74 -4.38 7.07
CA GLY D 222 -13.11 -4.09 5.69
C GLY D 222 -12.28 -4.89 4.70
N ARG D 223 -11.06 -5.28 5.10
CA ARG D 223 -10.22 -6.06 4.22
C ARG D 223 -10.21 -7.51 4.64
N TYR D 224 -10.40 -7.86 5.92
CA TYR D 224 -10.47 -9.26 6.34
C TYR D 224 -11.78 -9.63 7.03
N TYR D 225 -12.59 -10.45 6.35
CA TYR D 225 -13.87 -10.97 6.84
C TYR D 225 -13.64 -11.55 8.22
N THR D 226 -14.39 -11.12 9.24
CA THR D 226 -14.14 -11.60 10.58
C THR D 226 -15.28 -12.46 11.11
N VAL D 227 -14.90 -13.56 11.76
CA VAL D 227 -15.84 -14.52 12.33
C VAL D 227 -15.63 -14.49 13.82
N PHE D 228 -16.65 -14.34 14.66
CA PHE D 228 -16.45 -14.34 16.12
C PHE D 228 -17.15 -15.59 16.57
N ASP D 229 -16.41 -16.44 17.27
CA ASP D 229 -16.90 -17.76 17.57
C ASP D 229 -17.01 -17.91 19.06
N ARG D 230 -18.27 -17.92 19.50
CA ARG D 230 -18.53 -18.07 20.89
C ARG D 230 -18.38 -19.50 21.34
N ASP D 231 -18.72 -20.50 20.54
CA ASP D 231 -18.53 -21.90 20.94
C ASP D 231 -17.08 -22.29 21.25
N ASN D 232 -16.15 -21.74 20.47
CA ASN D 232 -14.75 -22.05 20.67
C ASN D 232 -13.96 -20.92 21.30
N ASN D 233 -14.53 -19.74 21.44
CA ASN D 233 -13.90 -18.55 22.02
C ASN D 233 -12.65 -18.31 21.22
N ARG D 234 -12.98 -17.89 19.99
CA ARG D 234 -12.03 -17.84 18.90
C ARG D 234 -12.46 -16.78 17.89
N VAL D 235 -11.55 -16.03 17.24
CA VAL D 235 -11.83 -14.99 16.24
C VAL D 235 -11.24 -15.57 14.97
N GLY D 236 -11.83 -15.44 13.79
CA GLY D 236 -11.26 -16.01 12.58
C GLY D 236 -11.26 -15.00 11.45
N PHE D 237 -10.19 -14.92 10.68
CA PHE D 237 -10.07 -13.97 9.59
C PHE D 237 -9.92 -14.67 8.25
N ALA D 238 -10.42 -14.13 7.15
CA ALA D 238 -10.15 -14.63 5.81
C ALA D 238 -10.08 -13.39 4.94
N GLU D 239 -9.43 -13.34 3.78
CA GLU D 239 -9.44 -12.11 3.00
C GLU D 239 -10.84 -11.89 2.50
N ALA D 240 -11.34 -10.65 2.56
CA ALA D 240 -12.70 -10.35 2.11
C ALA D 240 -12.73 -10.43 0.61
N ALA D 241 -13.90 -10.69 0.05
CA ALA D 241 -14.07 -10.76 -1.39
C ALA D 241 -14.88 -9.55 -1.84
#